data_4UFA
#
_entry.id   4UFA
#
_cell.length_a   72.870
_cell.length_b   76.720
_cell.length_c   82.800
_cell.angle_alpha   88.65
_cell.angle_beta   64.31
_cell.angle_gamma   75.22
#
_symmetry.space_group_name_H-M   'P 1'
#
loop_
_entity.id
_entity.type
_entity.pdbx_description
1 polymer 'ANGIOTENSIN-CONVERTING ENZYME'
2 branched 2-acetamido-2-deoxy-beta-D-glucopyranose-(1-4)-2-acetamido-2-deoxy-beta-D-glucopyranose
3 branched beta-D-mannopyranose-(1-4)-2-acetamido-2-deoxy-beta-D-glucopyranose-(1-4)-[alpha-L-fucopyranose-(1-6)]2-acetamido-2-deoxy-beta-D-glucopyranose
4 branched alpha-L-fucopyranose-(1-6)-2-acetamido-2-deoxy-beta-D-glucopyranose
5 branched beta-D-mannopyranose-(1-4)-2-acetamido-2-deoxy-beta-D-glucopyranose-(1-4)-2-acetamido-2-deoxy-beta-D-glucopyranose
6 non-polymer 'ZINC ION'
7 non-polymer 'CHLORIDE ION'
8 non-polymer 2-acetamido-2-deoxy-beta-D-glucopyranose
9 non-polymer DI(HYDROXYETHYL)ETHER
10 non-polymer 'HEXAETHYLENE GLYCOL'
11 non-polymer N-ACETYL-SERINE
12 non-polymer 'ASPARTIC ACID'
13 water water
#
_entity_poly.entity_id   1
_entity_poly.type   'polypeptide(L)'
_entity_poly.pdbx_seq_one_letter_code
;LDPGLQPGQFSADEAGAQLFAQSYQSSAEQVLFQSVAASWAHDTNITAENARRQEEAALLSQEFAEAWGQKAKELYEPIW
QQFTDPQLRRIIGAVRTLGSANLPLAKRQQYNALLSQMSRIYSTAKVCLPQKTATCWSLDPDLTNILASSRSYAMLLFAW
EGWHNAAGIPLKPLYEDFTALSNEAYKQDGFTDTGAYWRSWYNSPTFEDDLEHLYQQLEPLYLNLHAFVRRALHRRYGDR
YINLRGPIPAHLLGDMWAQSWENIYDMVVPFPDKPNLDVTSTMLQQGWQATHMFRVAEEFFTSLELSPMPPEFWEGSMLE
KPADGREVVCHASAWDFYNRKDFRIKQCTRVTMDQLSTVHHEMGHIQYYLQYKDLPVSLRRGANPGFHEAIGDVLALSVS
TPEHLHKIGLLDRVTNDTESDINYLLKMALEKIAFLPFGYLVDQWRWGVFSGRTPPSRYNFDWWYLRTKYQGICPPVTRN
ETHFDAGAKFHVPNVTPYIRYFVSFVLQFQFHEALCKEAGYEGPLHQCDIYRSTKAGAKLRKVLRAGSSRPWQEVLKDMV
GLDALDAQPLLKYFQLVTQWLQEQNQQNGEVLGWPEYQWHPPLPDNYPEGIDLVTDEAEASKFVEEYDL
;
_entity_poly.pdbx_strand_id   A,B
#
# COMPACT_ATOMS: atom_id res chain seq x y z
N LEU A 1 21.82 21.63 32.73
CA LEU A 1 20.80 22.70 32.62
C LEU A 1 20.97 23.74 33.72
N ASP A 2 20.99 25.00 33.31
CA ASP A 2 21.03 26.16 34.19
C ASP A 2 20.02 26.03 35.33
N PRO A 3 20.45 26.28 36.59
CA PRO A 3 19.56 26.20 37.76
C PRO A 3 18.25 27.02 37.60
N GLY A 4 18.35 28.23 37.04
CA GLY A 4 17.19 29.07 36.74
C GLY A 4 16.16 28.44 35.80
N LEU A 5 16.63 27.55 34.92
CA LEU A 5 15.79 26.90 33.91
C LEU A 5 15.20 25.56 34.36
N GLN A 6 15.62 25.12 35.54
CA GLN A 6 15.23 23.81 36.08
C GLN A 6 13.88 23.89 36.77
N PRO A 7 13.06 22.81 36.68
CA PRO A 7 11.77 22.83 37.38
C PRO A 7 11.90 22.64 38.89
N GLY A 8 11.10 23.39 39.63
CA GLY A 8 11.00 23.23 41.06
C GLY A 8 9.91 22.23 41.41
N GLN A 9 9.27 22.45 42.54
CA GLN A 9 8.22 21.57 43.02
C GLN A 9 6.87 22.26 42.99
N PHE A 10 5.86 21.45 42.72
CA PHE A 10 4.48 21.88 42.53
C PHE A 10 3.65 20.71 43.03
N SER A 11 2.48 21.01 43.58
CA SER A 11 1.54 20.00 44.05
C SER A 11 1.05 19.08 42.92
N ALA A 12 0.67 17.86 43.28
CA ALA A 12 0.29 16.83 42.32
C ALA A 12 -1.18 16.98 41.89
N ASP A 13 -1.52 18.18 41.40
CA ASP A 13 -2.90 18.55 41.06
C ASP A 13 -2.97 19.70 40.04
N GLU A 14 -4.21 20.07 39.68
CA GLU A 14 -4.50 21.08 38.68
C GLU A 14 -4.00 22.50 39.04
N ALA A 15 -4.14 22.87 40.33
CA ALA A 15 -3.68 24.16 40.82
C ALA A 15 -2.15 24.27 40.75
N GLY A 16 -1.47 23.14 40.99
CA GLY A 16 -0.02 23.03 40.87
C GLY A 16 0.41 23.12 39.41
N ALA A 17 -0.16 22.23 38.59
CA ALA A 17 -0.05 22.28 37.12
C ALA A 17 -0.08 23.68 36.48
N GLN A 18 -0.98 24.55 36.97
CA GLN A 18 -1.09 25.94 36.49
C GLN A 18 0.16 26.74 36.78
N LEU A 19 0.64 26.66 38.02
CA LEU A 19 1.91 27.29 38.43
C LEU A 19 3.08 26.62 37.74
N PHE A 20 2.97 25.31 37.51
CA PHE A 20 3.94 24.55 36.70
C PHE A 20 4.09 25.13 35.27
N ALA A 21 2.95 25.31 34.60
CA ALA A 21 2.90 25.86 33.24
C ALA A 21 3.45 27.29 33.18
N GLN A 22 3.11 28.11 34.17
CA GLN A 22 3.58 29.49 34.23
C GLN A 22 5.10 29.58 34.50
N SER A 23 5.60 28.70 35.37
CA SER A 23 7.06 28.57 35.57
C SER A 23 7.74 28.04 34.30
N TYR A 24 7.15 27.02 33.69
CA TYR A 24 7.59 26.53 32.38
C TYR A 24 7.73 27.66 31.36
N GLN A 25 6.66 28.44 31.23
CA GLN A 25 6.54 29.57 30.32
C GLN A 25 7.73 30.53 30.42
N SER A 26 8.10 30.86 31.66
CA SER A 26 9.17 31.82 31.95
C SER A 26 10.53 31.36 31.43
N SER A 27 10.76 30.05 31.49
CA SER A 27 12.05 29.50 31.09
C SER A 27 12.06 28.99 29.65
N ALA A 28 10.94 28.41 29.22
CA ALA A 28 10.77 27.90 27.86
C ALA A 28 11.08 28.93 26.78
N GLU A 29 10.72 30.20 27.00
CA GLU A 29 10.97 31.28 26.04
C GLU A 29 12.46 31.48 25.74
N GLN A 30 13.28 31.53 26.80
CA GLN A 30 14.73 31.67 26.65
C GLN A 30 15.29 30.47 25.90
N VAL A 31 14.84 29.28 26.28
CA VAL A 31 15.31 28.02 25.69
C VAL A 31 14.91 27.93 24.21
N LEU A 32 13.64 28.17 23.93
CA LEU A 32 13.16 28.30 22.56
C LEU A 32 13.92 29.39 21.78
N PHE A 33 14.08 30.57 22.39
CA PHE A 33 14.84 31.67 21.75
C PHE A 33 16.23 31.24 21.32
N GLN A 34 17.02 30.66 22.24
CA GLN A 34 18.41 30.29 21.92
C GLN A 34 18.47 29.24 20.81
N SER A 35 17.51 28.32 20.83
CA SER A 35 17.39 27.28 19.81
C SER A 35 17.09 27.86 18.42
N VAL A 36 16.03 28.69 18.34
CA VAL A 36 15.66 29.38 17.08
C VAL A 36 16.80 30.27 16.55
N ALA A 37 17.42 31.05 17.44
CA ALA A 37 18.55 31.93 17.05
C ALA A 37 19.72 31.17 16.44
N ALA A 38 20.11 30.07 17.07
CA ALA A 38 21.18 29.23 16.57
C ALA A 38 20.81 28.61 15.23
N SER A 39 19.56 28.16 15.11
CA SER A 39 19.02 27.67 13.83
C SER A 39 19.06 28.75 12.74
N TRP A 40 18.68 29.97 13.11
CA TRP A 40 18.74 31.13 12.20
C TRP A 40 20.17 31.39 11.75
N ALA A 41 21.07 31.49 12.73
CA ALA A 41 22.49 31.70 12.47
C ALA A 41 23.04 30.65 11.52
N HIS A 42 22.58 29.40 11.66
CA HIS A 42 23.00 28.34 10.76
C HIS A 42 22.38 28.44 9.37
N ASP A 43 21.04 28.57 9.33
CA ASP A 43 20.30 28.54 8.05
C ASP A 43 20.58 29.73 7.12
N THR A 44 21.01 30.87 7.69
CA THR A 44 21.37 32.05 6.90
C THR A 44 22.87 32.13 6.60
N ASN A 45 23.63 31.11 7.01
CA ASN A 45 25.09 31.13 6.99
C ASN A 45 25.58 29.71 7.35
N ILE A 46 25.50 28.81 6.37
CA ILE A 46 25.79 27.40 6.62
C ILE A 46 27.31 27.22 6.78
N THR A 47 27.75 27.01 8.01
CA THR A 47 29.16 26.72 8.33
C THR A 47 29.21 25.60 9.37
N ALA A 48 30.33 24.88 9.41
CA ALA A 48 30.58 23.83 10.41
C ALA A 48 30.44 24.37 11.82
N GLU A 49 30.93 25.59 12.03
CA GLU A 49 30.87 26.23 13.33
C GLU A 49 29.44 26.59 13.74
N ASN A 50 28.66 27.12 12.80
CA ASN A 50 27.23 27.38 13.06
C ASN A 50 26.41 26.07 13.29
N ALA A 51 26.78 25.00 12.60
CA ALA A 51 26.18 23.68 12.85
C ALA A 51 26.46 23.18 14.28
N ARG A 52 27.73 23.27 14.70
CA ARG A 52 28.12 22.89 16.07
C ARG A 52 27.29 23.64 17.13
N ARG A 53 27.17 24.97 16.95
CA ARG A 53 26.37 25.83 17.82
C ARG A 53 24.89 25.43 17.84
N GLN A 54 24.34 25.11 16.68
CA GLN A 54 22.94 24.71 16.59
C GLN A 54 22.70 23.38 17.35
N GLU A 55 23.61 22.42 17.17
CA GLU A 55 23.52 21.13 17.88
C GLU A 55 23.63 21.29 19.39
N GLU A 56 24.52 22.18 19.80
CA GLU A 56 24.69 22.54 21.21
C GLU A 56 23.39 23.15 21.75
N ALA A 57 22.79 24.06 20.98
CA ALA A 57 21.48 24.61 21.32
C ALA A 57 20.37 23.55 21.42
N ALA A 58 20.38 22.61 20.47
CA ALA A 58 19.42 21.50 20.44
C ALA A 58 19.56 20.59 21.66
N LEU A 59 20.80 20.33 22.09
CA LEU A 59 21.06 19.56 23.31
C LEU A 59 20.46 20.23 24.54
N LEU A 60 20.68 21.54 24.65
CA LEU A 60 20.11 22.35 25.72
C LEU A 60 18.58 22.19 25.75
N SER A 61 17.92 22.34 24.60
CA SER A 61 16.47 22.14 24.48
C SER A 61 16.02 20.75 24.94
N GLN A 62 16.77 19.72 24.56
CA GLN A 62 16.48 18.34 25.00
C GLN A 62 16.66 18.16 26.50
N GLU A 63 17.65 18.83 27.07
CA GLU A 63 17.87 18.81 28.52
C GLU A 63 16.68 19.43 29.26
N PHE A 64 16.28 20.60 28.77
CA PHE A 64 15.13 21.33 29.28
C PHE A 64 13.87 20.48 29.14
N ALA A 65 13.64 19.97 27.92
CA ALA A 65 12.49 19.11 27.63
C ALA A 65 12.43 17.86 28.48
N GLU A 66 13.58 17.23 28.73
CA GLU A 66 13.66 16.09 29.63
C GLU A 66 13.29 16.44 31.07
N ALA A 67 13.90 17.51 31.60
CA ALA A 67 13.67 17.93 32.99
C ALA A 67 12.18 18.21 33.25
N TRP A 68 11.57 19.08 32.45
CA TRP A 68 10.18 19.47 32.64
C TRP A 68 9.21 18.37 32.27
N GLY A 69 9.56 17.62 31.22
CA GLY A 69 8.84 16.40 30.82
C GLY A 69 8.75 15.32 31.88
N GLN A 70 9.89 14.97 32.48
CA GLN A 70 9.92 14.01 33.59
C GLN A 70 9.23 14.55 34.84
N LYS A 71 9.30 15.86 35.05
CA LYS A 71 8.58 16.50 36.16
C LYS A 71 7.07 16.44 35.93
N ALA A 72 6.63 16.86 34.75
CA ALA A 72 5.22 16.75 34.32
C ALA A 72 4.70 15.30 34.46
N LYS A 73 5.45 14.33 33.95
CA LYS A 73 5.14 12.91 34.10
C LYS A 73 5.23 12.37 35.53
N GLU A 74 6.09 12.96 36.35
CA GLU A 74 6.21 12.56 37.76
C GLU A 74 4.98 13.00 38.56
N LEU A 75 4.52 14.22 38.32
CA LEU A 75 3.43 14.83 39.12
C LEU A 75 2.03 14.64 38.56
N TYR A 76 1.92 14.48 37.24
CA TYR A 76 0.64 14.66 36.56
C TYR A 76 0.20 13.56 35.60
N GLU A 77 1.01 12.50 35.47
CA GLU A 77 0.80 11.47 34.43
C GLU A 77 -0.59 10.79 34.39
N PRO A 78 -1.07 10.23 35.53
CA PRO A 78 -2.41 9.63 35.45
C PRO A 78 -3.57 10.60 35.73
N ILE A 79 -3.33 11.91 35.71
CA ILE A 79 -4.33 12.89 36.18
C ILE A 79 -4.55 14.11 35.28
N TRP A 80 -3.64 14.33 34.32
CA TRP A 80 -3.65 15.55 33.50
C TRP A 80 -4.81 15.57 32.51
N GLN A 81 -5.29 14.38 32.13
CA GLN A 81 -6.32 14.23 31.12
C GLN A 81 -7.69 14.62 31.67
N GLN A 82 -7.81 14.63 32.99
CA GLN A 82 -9.05 14.97 33.69
C GLN A 82 -9.07 16.43 34.16
N PHE A 83 -8.00 17.19 33.89
CA PHE A 83 -7.97 18.63 34.22
C PHE A 83 -9.17 19.38 33.63
N THR A 84 -9.75 20.25 34.44
CA THR A 84 -10.90 21.07 34.05
C THR A 84 -10.54 22.18 33.03
N ASP A 85 -9.31 22.69 33.13
CA ASP A 85 -8.85 23.74 32.22
C ASP A 85 -8.40 23.07 30.94
N PRO A 86 -9.12 23.28 29.80
CA PRO A 86 -8.73 22.59 28.57
C PRO A 86 -7.42 23.10 27.97
N GLN A 87 -7.12 24.39 28.16
CA GLN A 87 -5.87 24.97 27.72
C GLN A 87 -4.69 24.39 28.49
N LEU A 88 -4.85 24.27 29.81
CA LEU A 88 -3.87 23.62 30.67
C LEU A 88 -3.63 22.15 30.31
N ARG A 89 -4.69 21.38 30.01
CA ARG A 89 -4.49 20.02 29.47
C ARG A 89 -3.59 20.02 28.22
N ARG A 90 -3.83 20.97 27.32
CA ARG A 90 -3.08 21.05 26.06
C ARG A 90 -1.62 21.47 26.28
N ILE A 91 -1.41 22.36 27.26
CA ILE A 91 -0.06 22.74 27.67
C ILE A 91 0.65 21.52 28.28
N ILE A 92 0.00 20.86 29.24
CA ILE A 92 0.59 19.70 29.93
C ILE A 92 0.86 18.56 28.97
N GLY A 93 -0.12 18.26 28.11
CA GLY A 93 0.00 17.20 27.10
C GLY A 93 1.22 17.37 26.21
N ALA A 94 1.47 18.61 25.78
CA ALA A 94 2.65 18.98 25.00
C ALA A 94 3.96 18.79 25.79
N VAL A 95 3.97 19.28 27.04
CA VAL A 95 5.18 19.25 27.89
C VAL A 95 5.58 17.80 28.19
N ARG A 96 4.61 16.94 28.45
CA ARG A 96 4.93 15.52 28.76
C ARG A 96 5.31 14.63 27.55
N THR A 97 5.27 15.19 26.33
CA THR A 97 5.78 14.49 25.14
C THR A 97 7.23 14.89 24.96
N LEU A 98 8.15 13.96 25.21
CA LEU A 98 9.60 14.26 25.23
C LEU A 98 10.25 14.24 23.86
N GLY A 99 9.73 13.40 22.97
CA GLY A 99 10.32 13.19 21.65
C GLY A 99 11.77 12.78 21.75
N SER A 100 12.63 13.43 20.97
CA SER A 100 14.07 13.16 20.96
C SER A 100 14.73 13.23 22.35
N ALA A 101 14.14 13.99 23.27
CA ALA A 101 14.62 14.04 24.66
C ALA A 101 14.48 12.70 25.40
N ASN A 102 13.75 11.74 24.84
CA ASN A 102 13.71 10.38 25.38
C ASN A 102 14.97 9.60 25.13
N LEU A 103 15.71 9.97 24.08
CA LEU A 103 16.95 9.28 23.71
C LEU A 103 18.01 9.51 24.77
N PRO A 104 18.80 8.46 25.10
CA PRO A 104 19.99 8.74 25.94
C PRO A 104 20.93 9.75 25.24
N LEU A 105 21.81 10.38 26.02
CA LEU A 105 22.69 11.46 25.52
C LEU A 105 23.41 11.20 24.20
N ALA A 106 24.11 10.06 24.11
CA ALA A 106 24.84 9.68 22.89
C ALA A 106 23.92 9.64 21.66
N LYS A 107 22.71 9.12 21.84
CA LYS A 107 21.73 9.04 20.77
C LYS A 107 21.13 10.39 20.43
N ARG A 108 20.96 11.24 21.45
CA ARG A 108 20.56 12.64 21.24
C ARG A 108 21.55 13.38 20.35
N GLN A 109 22.84 13.23 20.64
CA GLN A 109 23.90 13.86 19.85
C GLN A 109 23.93 13.32 18.42
N GLN A 110 23.77 12.00 18.29
CA GLN A 110 23.64 11.35 16.98
C GLN A 110 22.47 11.96 16.19
N TYR A 111 21.31 12.05 16.85
CA TYR A 111 20.07 12.56 16.23
C TYR A 111 20.25 13.99 15.74
N ASN A 112 20.79 14.85 16.61
CA ASN A 112 21.02 16.26 16.31
C ASN A 112 21.99 16.42 15.17
N ALA A 113 23.06 15.61 15.15
CA ALA A 113 24.05 15.65 14.07
C ALA A 113 23.46 15.18 12.75
N LEU A 114 22.61 14.15 12.78
CA LEU A 114 21.93 13.69 11.56
C LEU A 114 21.06 14.79 10.93
N LEU A 115 20.29 15.51 11.76
CA LEU A 115 19.44 16.59 11.27
C LEU A 115 20.29 17.68 10.63
N SER A 116 21.40 18.02 11.30
CA SER A 116 22.32 19.04 10.80
C SER A 116 22.96 18.66 9.46
N GLN A 117 23.42 17.42 9.36
N GLN A 117 23.43 17.41 9.35
CA GLN A 117 24.08 16.91 8.15
CA GLN A 117 24.09 16.96 8.12
C GLN A 117 23.10 16.81 6.98
C GLN A 117 23.10 16.80 6.97
N MET A 118 21.89 16.33 7.26
CA MET A 118 20.82 16.21 6.23
C MET A 118 20.44 17.60 5.68
N SER A 119 20.32 18.56 6.59
CA SER A 119 20.03 19.96 6.21
C SER A 119 21.15 20.52 5.32
N ARG A 120 22.39 20.31 5.73
CA ARG A 120 23.56 20.79 4.98
C ARG A 120 23.64 20.14 3.62
N ILE A 121 23.44 18.82 3.55
CA ILE A 121 23.48 18.15 2.26
C ILE A 121 22.44 18.71 1.27
N TYR A 122 21.20 18.86 1.74
CA TYR A 122 20.11 19.34 0.88
C TYR A 122 20.40 20.76 0.36
N SER A 123 20.79 21.64 1.27
CA SER A 123 20.88 23.07 0.97
C SER A 123 22.19 23.51 0.30
N THR A 124 23.20 22.62 0.28
CA THR A 124 24.48 22.94 -0.36
C THR A 124 24.76 22.07 -1.58
N ALA A 125 23.85 21.15 -1.89
CA ALA A 125 23.99 20.27 -3.06
C ALA A 125 24.05 21.09 -4.35
N LYS A 126 24.90 20.65 -5.27
CA LYS A 126 25.08 21.35 -6.54
C LYS A 126 25.08 20.40 -7.74
N VAL A 127 24.73 20.92 -8.91
CA VAL A 127 24.84 20.18 -10.17
C VAL A 127 25.95 20.84 -11.00
N CYS A 128 26.97 20.05 -11.35
CA CYS A 128 28.14 20.57 -12.05
C CYS A 128 28.21 20.05 -13.49
N LEU A 129 28.64 20.92 -14.40
CA LEU A 129 28.73 20.62 -15.84
C LEU A 129 30.09 20.04 -16.22
N THR A 133 33.17 21.83 -17.33
CA THR A 133 33.59 23.08 -16.67
C THR A 133 33.79 22.91 -15.15
N ALA A 134 34.29 23.97 -14.52
CA ALA A 134 34.35 24.09 -13.05
C ALA A 134 33.05 24.66 -12.45
N THR A 135 32.17 25.18 -13.31
CA THR A 135 30.92 25.85 -12.93
C THR A 135 29.80 24.91 -12.46
N CYS A 136 29.14 25.27 -11.34
CA CYS A 136 28.06 24.47 -10.75
C CYS A 136 26.79 25.27 -10.47
N TRP A 137 25.64 24.61 -10.59
CA TRP A 137 24.34 25.22 -10.37
C TRP A 137 23.74 24.81 -9.03
N SER A 138 23.21 25.79 -8.29
CA SER A 138 22.45 25.53 -7.07
C SER A 138 20.96 25.32 -7.44
N LEU A 139 20.20 24.73 -6.53
CA LEU A 139 18.77 24.53 -6.77
C LEU A 139 18.05 25.88 -7.00
N ASP A 140 18.28 26.80 -6.08
CA ASP A 140 17.69 28.12 -6.07
C ASP A 140 18.84 29.15 -6.16
N PRO A 141 18.96 29.89 -7.27
CA PRO A 141 17.92 30.02 -8.32
C PRO A 141 18.12 29.23 -9.62
N ASP A 142 19.32 28.66 -9.80
CA ASP A 142 19.72 28.12 -11.10
C ASP A 142 18.84 27.01 -11.68
N LEU A 143 18.71 25.91 -10.93
CA LEU A 143 17.92 24.75 -11.38
C LEU A 143 16.42 25.05 -11.44
N THR A 144 15.95 25.82 -10.45
CA THR A 144 14.59 26.35 -10.43
C THR A 144 14.24 27.07 -11.73
N ASN A 145 15.10 28.00 -12.16
CA ASN A 145 14.89 28.74 -13.40
C ASN A 145 14.88 27.85 -14.63
N ILE A 146 15.77 26.86 -14.68
CA ILE A 146 15.77 25.90 -15.79
C ILE A 146 14.43 25.15 -15.86
N LEU A 147 14.00 24.59 -14.72
CA LEU A 147 12.76 23.83 -14.67
C LEU A 147 11.56 24.68 -15.05
N ALA A 148 11.61 25.97 -14.70
CA ALA A 148 10.52 26.92 -14.98
C ALA A 148 10.45 27.44 -16.44
N SER A 149 11.60 27.62 -17.10
CA SER A 149 11.61 28.33 -18.38
C SER A 149 12.29 27.61 -19.56
N SER A 150 13.14 26.63 -19.29
CA SER A 150 13.66 25.80 -20.38
C SER A 150 12.55 24.92 -20.93
N ARG A 151 12.55 24.78 -22.25
CA ARG A 151 11.59 23.95 -22.96
C ARG A 151 12.35 22.91 -23.77
N SER A 152 13.62 22.79 -23.44
CA SER A 152 14.49 21.79 -24.06
C SER A 152 14.43 20.53 -23.20
N TYR A 153 13.90 19.46 -23.79
CA TYR A 153 13.75 18.19 -23.11
C TYR A 153 15.06 17.73 -22.43
N ALA A 154 16.16 17.73 -23.20
CA ALA A 154 17.48 17.31 -22.73
C ALA A 154 18.02 18.17 -21.58
N MET A 155 17.79 19.48 -21.67
CA MET A 155 18.26 20.42 -20.64
C MET A 155 17.49 20.27 -19.33
N LEU A 156 16.18 20.12 -19.44
CA LEU A 156 15.31 19.85 -18.28
C LEU A 156 15.71 18.54 -17.61
N LEU A 157 16.00 17.53 -18.44
CA LEU A 157 16.46 16.23 -17.96
C LEU A 157 17.77 16.35 -17.19
N PHE A 158 18.71 17.12 -17.73
CA PHE A 158 19.99 17.33 -17.08
C PHE A 158 19.82 17.91 -15.68
N ALA A 159 18.96 18.92 -15.57
CA ALA A 159 18.70 19.60 -14.31
C ALA A 159 17.96 18.68 -13.31
N TRP A 160 16.93 18.00 -13.79
CA TRP A 160 16.13 17.05 -12.97
C TRP A 160 16.96 15.89 -12.41
N GLU A 161 17.69 15.23 -13.30
CA GLU A 161 18.54 14.10 -12.92
C GLU A 161 19.69 14.56 -12.03
N GLY A 162 20.36 15.63 -12.45
CA GLY A 162 21.44 16.23 -11.68
C GLY A 162 21.04 16.51 -10.23
N TRP A 163 19.91 17.20 -10.04
CA TRP A 163 19.44 17.53 -8.70
C TRP A 163 19.07 16.32 -7.85
N HIS A 164 18.30 15.40 -8.45
CA HIS A 164 17.84 14.19 -7.74
C HIS A 164 19.03 13.33 -7.31
N ASN A 165 19.98 13.15 -8.24
CA ASN A 165 21.24 12.45 -7.94
C ASN A 165 22.06 13.14 -6.85
N ALA A 166 22.25 14.46 -6.97
CA ALA A 166 23.09 15.23 -6.04
C ALA A 166 22.56 15.27 -4.62
N ALA A 167 21.26 15.55 -4.46
CA ALA A 167 20.68 15.66 -3.13
C ALA A 167 20.34 14.29 -2.54
N GLY A 168 19.69 13.44 -3.34
CA GLY A 168 19.12 12.17 -2.85
C GLY A 168 20.14 11.11 -2.44
N ILE A 169 21.09 10.81 -3.34
CA ILE A 169 22.03 9.69 -3.12
C ILE A 169 22.74 9.77 -1.77
N PRO A 170 23.42 10.91 -1.45
CA PRO A 170 24.10 10.97 -0.12
C PRO A 170 23.16 11.04 1.09
N LEU A 171 21.91 11.45 0.91
CA LEU A 171 20.99 11.51 2.03
C LEU A 171 20.53 10.16 2.55
N LYS A 172 20.50 9.16 1.68
CA LYS A 172 19.87 7.87 2.02
C LYS A 172 20.36 7.21 3.33
N PRO A 173 21.69 7.01 3.49
CA PRO A 173 22.11 6.35 4.74
C PRO A 173 21.78 7.17 5.99
N LEU A 174 21.85 8.49 5.91
CA LEU A 174 21.51 9.36 7.03
C LEU A 174 20.02 9.29 7.36
N TYR A 175 19.20 9.26 6.31
CA TYR A 175 17.75 9.22 6.49
C TYR A 175 17.29 7.94 7.21
N GLU A 176 17.90 6.82 6.86
CA GLU A 176 17.66 5.54 7.54
C GLU A 176 17.93 5.62 9.04
N ASP A 177 19.08 6.20 9.38
CA ASP A 177 19.52 6.33 10.77
C ASP A 177 18.61 7.26 11.54
N PHE A 178 18.23 8.38 10.90
CA PHE A 178 17.28 9.33 11.47
C PHE A 178 15.94 8.66 11.79
N THR A 179 15.45 7.86 10.83
CA THR A 179 14.15 7.18 10.96
C THR A 179 14.12 6.28 12.19
N ALA A 180 15.18 5.47 12.36
CA ALA A 180 15.27 4.55 13.49
C ALA A 180 15.32 5.30 14.84
N LEU A 181 16.13 6.34 14.92
CA LEU A 181 16.26 7.14 16.13
C LEU A 181 14.97 7.89 16.44
N SER A 182 14.35 8.50 15.43
CA SER A 182 13.05 9.18 15.62
C SER A 182 12.00 8.22 16.21
N ASN A 183 11.87 7.05 15.60
CA ASN A 183 10.94 6.03 16.06
C ASN A 183 11.26 5.60 17.49
N GLU A 184 12.55 5.37 17.77
CA GLU A 184 12.98 4.98 19.10
C GLU A 184 12.54 6.01 20.15
N ALA A 185 12.71 7.28 19.81
CA ALA A 185 12.31 8.41 20.66
C ALA A 185 10.81 8.45 20.94
N TYR A 186 10.00 8.42 19.88
CA TYR A 186 8.56 8.57 20.04
C TYR A 186 7.84 7.34 20.58
N LYS A 187 8.44 6.16 20.39
CA LYS A 187 7.96 4.92 20.99
C LYS A 187 7.92 4.97 22.52
N GLN A 188 8.85 5.71 23.12
CA GLN A 188 8.85 5.96 24.56
C GLN A 188 7.81 7.00 25.02
N ASP A 189 7.23 7.74 24.08
CA ASP A 189 6.07 8.61 24.39
C ASP A 189 4.75 7.85 24.22
N GLY A 190 4.82 6.59 23.78
CA GLY A 190 3.65 5.72 23.63
C GLY A 190 3.05 5.59 22.23
N PHE A 191 3.70 6.20 21.24
CA PHE A 191 3.26 6.10 19.85
C PHE A 191 3.90 4.88 19.17
N THR A 192 3.15 4.20 18.29
CA THR A 192 3.71 3.05 17.56
C THR A 192 4.89 3.44 16.68
N ASP A 193 4.88 4.68 16.17
CA ASP A 193 5.97 5.22 15.36
C ASP A 193 5.83 6.74 15.23
N THR A 194 6.83 7.38 14.63
CA THR A 194 6.83 8.84 14.51
C THR A 194 5.63 9.36 13.73
N GLY A 195 5.25 8.65 12.66
CA GLY A 195 4.09 9.00 11.85
C GLY A 195 2.80 9.10 12.66
N ALA A 196 2.63 8.16 13.62
CA ALA A 196 1.47 8.16 14.50
C ALA A 196 1.48 9.41 15.37
N TYR A 197 2.65 9.82 15.85
CA TYR A 197 2.76 11.08 16.57
C TYR A 197 2.37 12.28 15.69
N TRP A 198 2.93 12.36 14.49
CA TRP A 198 2.59 13.46 13.56
C TRP A 198 1.09 13.55 13.28
N ARG A 199 0.46 12.39 13.01
CA ARG A 199 -0.99 12.34 12.75
C ARG A 199 -1.82 12.74 13.97
N SER A 200 -1.29 12.53 15.18
CA SER A 200 -2.04 12.82 16.41
C SER A 200 -2.35 14.32 16.57
N TRP A 201 -1.59 15.18 15.88
CA TRP A 201 -1.84 16.62 15.92
C TRP A 201 -3.21 17.03 15.39
N TYR A 202 -3.86 16.15 14.63
CA TYR A 202 -5.16 16.48 14.05
C TYR A 202 -6.33 16.01 14.92
N ASN A 203 -5.97 15.35 16.02
CA ASN A 203 -6.92 14.85 17.02
C ASN A 203 -8.24 14.37 16.38
N SER A 204 -8.09 13.35 15.54
CA SER A 204 -9.17 12.82 14.74
C SER A 204 -8.91 11.33 14.59
N PRO A 205 -9.75 10.49 15.22
CA PRO A 205 -9.49 9.04 15.13
C PRO A 205 -9.66 8.50 13.71
N THR A 206 -10.34 9.27 12.87
CA THR A 206 -10.66 8.87 11.51
C THR A 206 -9.88 9.68 10.43
N PHE A 207 -8.79 10.31 10.84
CA PHE A 207 -7.99 11.22 9.98
C PHE A 207 -7.65 10.64 8.59
N GLU A 208 -7.03 9.46 8.55
CA GLU A 208 -6.63 8.82 7.28
C GLU A 208 -7.79 8.54 6.33
N ASP A 209 -8.89 7.99 6.86
CA ASP A 209 -10.12 7.76 6.07
C ASP A 209 -10.75 9.07 5.59
N ASP A 210 -10.77 10.09 6.45
CA ASP A 210 -11.29 11.41 6.10
C ASP A 210 -10.50 12.04 4.94
N LEU A 211 -9.18 11.91 4.98
CA LEU A 211 -8.31 12.40 3.89
C LEU A 211 -8.59 11.64 2.60
N GLU A 212 -8.74 10.32 2.72
CA GLU A 212 -9.02 9.49 1.55
C GLU A 212 -10.36 9.85 0.88
N HIS A 213 -11.39 10.10 1.69
CA HIS A 213 -12.70 10.53 1.19
CA HIS A 213 -12.71 10.54 1.20
C HIS A 213 -12.61 11.89 0.48
N LEU A 214 -11.78 12.80 1.02
CA LEU A 214 -11.52 14.08 0.37
C LEU A 214 -10.84 13.89 -0.96
N TYR A 215 -9.78 13.08 -0.98
CA TYR A 215 -9.08 12.84 -2.23
C TYR A 215 -9.98 12.21 -3.31
N GLN A 216 -10.84 11.27 -2.93
CA GLN A 216 -11.82 10.67 -3.87
C GLN A 216 -12.65 11.72 -4.62
N GLN A 217 -13.04 12.78 -3.91
CA GLN A 217 -13.85 13.85 -4.50
C GLN A 217 -13.00 14.75 -5.41
N LEU A 218 -11.72 14.85 -5.09
CA LEU A 218 -10.84 15.76 -5.82
C LEU A 218 -10.20 15.12 -7.04
N GLU A 219 -10.00 13.80 -7.00
CA GLU A 219 -9.28 13.08 -8.05
C GLU A 219 -9.79 13.30 -9.49
N PRO A 220 -11.12 13.33 -9.72
CA PRO A 220 -11.53 13.56 -11.12
C PRO A 220 -11.07 14.92 -11.68
N LEU A 221 -10.97 15.94 -10.83
CA LEU A 221 -10.48 17.26 -11.25
C LEU A 221 -9.02 17.15 -11.68
N TYR A 222 -8.25 16.41 -10.90
CA TYR A 222 -6.85 16.19 -11.24
C TYR A 222 -6.69 15.39 -12.53
N LEU A 223 -7.46 14.32 -12.68
CA LEU A 223 -7.33 13.47 -13.86
C LEU A 223 -7.58 14.25 -15.14
N ASN A 224 -8.57 15.14 -15.11
CA ASN A 224 -8.90 15.94 -16.27
C ASN A 224 -7.87 17.02 -16.60
N LEU A 225 -7.36 17.68 -15.55
CA LEU A 225 -6.27 18.65 -15.70
C LEU A 225 -5.03 17.98 -16.30
N HIS A 226 -4.69 16.81 -15.75
CA HIS A 226 -3.56 16.01 -16.18
C HIS A 226 -3.67 15.67 -17.68
N ALA A 227 -4.83 15.16 -18.10
CA ALA A 227 -5.03 14.73 -19.50
C ALA A 227 -4.91 15.92 -20.45
N PHE A 228 -5.45 17.06 -20.03
CA PHE A 228 -5.41 18.29 -20.81
C PHE A 228 -3.99 18.82 -20.95
N VAL A 229 -3.26 18.82 -19.84
CA VAL A 229 -1.87 19.25 -19.82
C VAL A 229 -0.99 18.30 -20.65
N ARG A 230 -1.20 17.00 -20.49
CA ARG A 230 -0.45 15.98 -21.26
C ARG A 230 -0.58 16.21 -22.78
N ARG A 231 -1.80 16.50 -23.23
CA ARG A 231 -2.09 16.86 -24.62
C ARG A 231 -1.28 18.09 -25.08
N ALA A 232 -1.25 19.14 -24.23
CA ALA A 232 -0.49 20.36 -24.54
C ALA A 232 1.01 20.07 -24.66
N LEU A 233 1.52 19.23 -23.75
CA LEU A 233 2.90 18.78 -23.80
C LEU A 233 3.23 17.93 -25.04
N HIS A 234 2.31 17.03 -25.40
CA HIS A 234 2.43 16.19 -26.60
C HIS A 234 2.58 17.06 -27.86
N ARG A 235 1.79 18.13 -27.95
CA ARG A 235 1.86 19.07 -29.09
C ARG A 235 3.23 19.76 -29.20
N ARG A 236 3.92 19.92 -28.09
CA ARG A 236 5.25 20.56 -28.11
C ARG A 236 6.40 19.57 -28.19
N TYR A 237 6.35 18.52 -27.37
CA TYR A 237 7.45 17.57 -27.26
C TYR A 237 7.36 16.39 -28.21
N GLY A 238 6.16 16.11 -28.71
CA GLY A 238 5.99 15.09 -29.73
C GLY A 238 5.79 13.70 -29.17
N ASP A 239 5.43 12.78 -30.06
CA ASP A 239 5.02 11.43 -29.70
C ASP A 239 6.12 10.57 -29.06
N ARG A 240 7.38 10.93 -29.31
CA ARG A 240 8.52 10.21 -28.75
C ARG A 240 8.63 10.40 -27.23
N TYR A 241 8.47 11.64 -26.76
CA TYR A 241 8.67 11.98 -25.35
C TYR A 241 7.39 12.06 -24.50
N ILE A 242 6.23 12.14 -25.16
CA ILE A 242 4.93 12.16 -24.47
C ILE A 242 4.05 11.01 -24.95
N ASN A 243 3.61 10.19 -24.00
CA ASN A 243 2.68 9.10 -24.24
C ASN A 243 1.29 9.56 -23.80
N LEU A 244 0.38 9.67 -24.77
CA LEU A 244 -0.97 10.14 -24.50
C LEU A 244 -1.80 9.19 -23.64
N ARG A 245 -1.28 7.98 -23.42
CA ARG A 245 -1.93 7.00 -22.54
C ARG A 245 -1.07 6.59 -21.34
N GLY A 246 0.05 7.29 -21.16
CA GLY A 246 1.01 6.97 -20.10
C GLY A 246 1.25 8.14 -19.16
N PRO A 247 2.11 7.93 -18.13
CA PRO A 247 2.44 9.00 -17.18
C PRO A 247 3.27 10.10 -17.85
N ILE A 248 3.13 11.34 -17.37
CA ILE A 248 3.91 12.47 -17.88
C ILE A 248 5.34 12.39 -17.32
N PRO A 249 6.39 12.50 -18.19
CA PRO A 249 7.76 12.59 -17.66
C PRO A 249 7.87 13.70 -16.62
N ALA A 250 8.52 13.41 -15.50
CA ALA A 250 8.36 14.21 -14.27
C ALA A 250 9.09 15.56 -14.28
N HIS A 251 9.88 15.80 -15.34
CA HIS A 251 10.66 17.04 -15.47
C HIS A 251 10.01 18.11 -16.36
N LEU A 252 8.82 17.84 -16.91
CA LEU A 252 8.22 18.72 -17.95
C LEU A 252 7.10 19.65 -17.46
N LEU A 253 6.93 19.74 -16.15
CA LEU A 253 5.76 20.41 -15.58
C LEU A 253 6.07 21.76 -14.92
N GLY A 254 7.30 22.23 -15.12
CA GLY A 254 7.67 23.59 -14.73
C GLY A 254 8.37 23.71 -13.38
N ASP A 255 8.50 22.58 -12.69
CA ASP A 255 8.84 22.57 -11.28
C ASP A 255 9.67 21.30 -11.00
N MET A 256 10.69 21.40 -10.14
CA MET A 256 11.57 20.26 -9.83
C MET A 256 10.80 19.01 -9.36
N TRP A 257 9.68 19.22 -8.67
CA TRP A 257 8.90 18.12 -8.09
C TRP A 257 7.59 17.87 -8.82
N ALA A 258 7.40 18.58 -9.94
CA ALA A 258 6.13 18.56 -10.68
C ALA A 258 4.95 18.82 -9.74
N GLN A 259 5.18 19.63 -8.69
CA GLN A 259 4.19 19.81 -7.64
C GLN A 259 3.20 20.93 -7.91
N SER A 260 3.61 21.85 -8.77
CA SER A 260 2.85 23.04 -9.10
C SER A 260 3.16 23.28 -10.56
N TRP A 261 2.13 23.47 -11.37
CA TRP A 261 2.30 23.49 -12.81
C TRP A 261 2.18 24.88 -13.45
N GLU A 262 2.15 25.93 -12.63
CA GLU A 262 1.89 27.29 -13.13
C GLU A 262 2.89 27.79 -14.19
N ASN A 263 4.13 27.31 -14.17
CA ASN A 263 5.16 27.72 -15.15
C ASN A 263 4.94 27.27 -16.58
N ILE A 264 4.08 26.27 -16.78
CA ILE A 264 3.75 25.83 -18.13
C ILE A 264 2.44 26.45 -18.62
N TYR A 265 1.96 27.46 -17.89
CA TYR A 265 0.71 28.17 -18.24
C TYR A 265 0.64 28.66 -19.70
N ASP A 266 1.75 29.18 -20.24
CA ASP A 266 1.78 29.68 -21.63
C ASP A 266 1.48 28.60 -22.67
N MET A 267 1.82 27.35 -22.38
CA MET A 267 1.55 26.20 -23.26
C MET A 267 0.13 25.69 -23.16
N VAL A 268 -0.52 25.96 -22.03
CA VAL A 268 -1.84 25.35 -21.78
C VAL A 268 -2.99 26.36 -21.85
N VAL A 269 -2.67 27.66 -21.81
CA VAL A 269 -3.69 28.75 -21.78
C VAL A 269 -4.77 28.55 -22.86
N PRO A 270 -6.04 28.36 -22.44
CA PRO A 270 -7.12 28.10 -23.39
C PRO A 270 -7.33 29.22 -24.42
N PHE A 271 -7.30 30.48 -23.98
CA PHE A 271 -7.58 31.63 -24.85
C PHE A 271 -6.47 32.70 -24.77
N PRO A 272 -5.37 32.50 -25.54
CA PRO A 272 -4.18 33.38 -25.47
C PRO A 272 -4.38 34.83 -25.96
N ASP A 273 -5.55 35.14 -26.51
CA ASP A 273 -5.84 36.50 -26.97
C ASP A 273 -6.44 37.40 -25.88
N LYS A 274 -6.79 36.79 -24.75
CA LYS A 274 -7.28 37.50 -23.58
C LYS A 274 -6.08 38.07 -22.77
N PRO A 275 -6.32 38.88 -21.72
CA PRO A 275 -5.17 39.48 -21.01
C PRO A 275 -4.29 38.39 -20.41
N ASN A 276 -2.97 38.56 -20.52
CA ASN A 276 -2.01 37.60 -20.00
C ASN A 276 -1.99 37.59 -18.46
N LEU A 277 -2.47 36.50 -17.88
CA LEU A 277 -2.74 36.43 -16.45
C LEU A 277 -1.56 36.11 -15.56
N ASP A 278 -0.46 35.73 -16.20
CA ASP A 278 0.80 35.54 -15.50
C ASP A 278 1.54 36.86 -15.63
N VAL A 279 1.60 37.58 -14.51
CA VAL A 279 2.13 38.94 -14.46
C VAL A 279 3.65 39.01 -14.25
N THR A 280 4.31 37.85 -14.28
CA THR A 280 5.77 37.78 -14.09
C THR A 280 6.50 38.77 -15.02
N SER A 281 6.20 38.73 -16.31
CA SER A 281 6.87 39.60 -17.29
C SER A 281 6.61 41.09 -17.01
N THR A 282 5.43 41.41 -16.48
CA THR A 282 5.08 42.79 -16.08
C THR A 282 5.85 43.24 -14.82
N MET A 283 5.99 42.34 -13.84
CA MET A 283 6.79 42.61 -12.64
C MET A 283 8.25 42.93 -13.05
N LEU A 284 8.78 42.12 -13.98
CA LEU A 284 10.13 42.33 -14.51
C LEU A 284 10.24 43.66 -15.29
N GLN A 285 9.28 43.90 -16.19
CA GLN A 285 9.19 45.16 -16.94
C GLN A 285 9.17 46.37 -16.01
N GLN A 286 8.35 46.31 -14.95
CA GLN A 286 8.23 47.41 -13.98
C GLN A 286 9.36 47.51 -12.97
N GLY A 287 10.25 46.52 -12.94
CA GLY A 287 11.39 46.56 -12.00
C GLY A 287 11.05 46.29 -10.53
N TRP A 288 10.13 45.36 -10.28
CA TRP A 288 9.84 44.92 -8.91
C TRP A 288 11.05 44.22 -8.32
N GLN A 289 11.31 44.48 -7.04
CA GLN A 289 12.32 43.75 -6.26
C GLN A 289 11.67 43.04 -5.07
N ALA A 290 12.44 42.20 -4.38
CA ALA A 290 11.97 41.54 -3.16
C ALA A 290 11.27 42.50 -2.19
N THR A 291 11.88 43.65 -1.94
CA THR A 291 11.28 44.56 -0.96
C THR A 291 9.89 45.10 -1.38
N HIS A 292 9.68 45.33 -2.68
CA HIS A 292 8.36 45.73 -3.17
C HIS A 292 7.35 44.62 -2.88
N MET A 293 7.73 43.40 -3.21
CA MET A 293 6.89 42.22 -2.99
C MET A 293 6.42 42.10 -1.54
N PHE A 294 7.36 42.26 -0.58
CA PHE A 294 7.04 42.15 0.85
C PHE A 294 6.18 43.30 1.35
N ARG A 295 6.41 44.49 0.82
CA ARG A 295 5.59 45.66 1.20
C ARG A 295 4.17 45.58 0.66
N VAL A 296 4.03 45.06 -0.55
CA VAL A 296 2.72 44.90 -1.20
C VAL A 296 1.91 43.85 -0.41
N ALA A 297 2.58 42.76 -0.03
CA ALA A 297 2.00 41.72 0.83
C ALA A 297 1.54 42.30 2.17
N GLU A 298 2.42 43.05 2.83
CA GLU A 298 2.11 43.70 4.10
C GLU A 298 0.89 44.60 4.01
N GLU A 299 0.83 45.39 2.95
CA GLU A 299 -0.26 46.33 2.77
C GLU A 299 -1.61 45.62 2.62
N PHE A 300 -1.64 44.41 2.04
CA PHE A 300 -2.88 43.61 2.05
C PHE A 300 -3.32 43.30 3.48
N PHE A 301 -2.38 42.85 4.31
CA PHE A 301 -2.64 42.54 5.72
C PHE A 301 -3.17 43.76 6.50
N THR A 302 -2.53 44.93 6.35
CA THR A 302 -3.01 46.14 7.01
C THR A 302 -4.37 46.63 6.46
N SER A 303 -4.66 46.37 5.18
CA SER A 303 -5.96 46.73 4.57
C SER A 303 -7.11 46.03 5.30
N LEU A 304 -6.80 44.87 5.87
CA LEU A 304 -7.73 44.08 6.66
C LEU A 304 -7.74 44.48 8.13
N GLU A 305 -6.96 45.51 8.47
CA GLU A 305 -6.68 45.89 9.86
C GLU A 305 -6.02 44.77 10.68
N LEU A 306 -5.25 43.93 9.99
CA LEU A 306 -4.29 43.03 10.63
C LEU A 306 -2.95 43.77 10.82
N SER A 307 -1.98 43.15 11.50
CA SER A 307 -0.76 43.84 11.92
C SER A 307 0.25 44.05 10.79
N PRO A 308 0.88 45.25 10.73
CA PRO A 308 2.01 45.42 9.82
C PRO A 308 3.17 44.55 10.33
N MET A 309 4.20 44.39 9.51
CA MET A 309 5.43 43.73 9.97
C MET A 309 6.20 44.69 10.88
N PRO A 310 6.54 44.27 12.12
CA PRO A 310 7.27 45.14 13.06
C PRO A 310 8.68 45.49 12.55
N PRO A 311 9.33 46.56 13.11
CA PRO A 311 10.70 46.90 12.74
C PRO A 311 11.69 45.74 12.81
N GLU A 312 11.58 44.93 13.85
CA GLU A 312 12.42 43.72 14.04
C GLU A 312 12.38 42.76 12.83
N PHE A 313 11.22 42.65 12.19
CA PHE A 313 11.06 41.83 10.96
C PHE A 313 11.92 42.40 9.85
N TRP A 314 11.76 43.70 9.59
CA TRP A 314 12.48 44.35 8.49
C TRP A 314 14.01 44.36 8.72
N GLU A 315 14.41 44.58 9.97
CA GLU A 315 15.85 44.62 10.33
C GLU A 315 16.53 43.24 10.29
N GLY A 316 15.77 42.21 10.64
CA GLY A 316 16.31 40.85 10.83
C GLY A 316 16.17 39.88 9.69
N SER A 317 15.16 40.06 8.86
CA SER A 317 14.82 39.08 7.81
C SER A 317 15.91 38.94 6.73
N MET A 318 16.00 37.75 6.13
CA MET A 318 16.81 37.58 4.93
C MET A 318 15.85 37.47 3.74
N LEU A 319 15.78 38.53 2.93
CA LEU A 319 14.75 38.62 1.86
C LEU A 319 15.26 38.37 0.44
N GLU A 320 16.57 38.30 0.28
CA GLU A 320 17.20 37.89 -0.98
C GLU A 320 18.29 36.87 -0.65
N LYS A 321 18.68 36.05 -1.62
CA LYS A 321 19.86 35.20 -1.46
C LYS A 321 21.09 36.11 -1.32
N PRO A 322 21.92 35.91 -0.25
CA PRO A 322 23.08 36.79 -0.02
C PRO A 322 24.03 36.89 -1.22
N ALA A 323 24.47 38.11 -1.49
CA ALA A 323 25.33 38.44 -2.62
C ALA A 323 26.79 38.06 -2.36
N ASP A 324 27.18 37.95 -1.10
CA ASP A 324 28.52 37.52 -0.71
C ASP A 324 28.79 36.03 -1.04
N GLY A 325 27.77 35.35 -1.57
CA GLY A 325 27.86 33.96 -2.00
C GLY A 325 27.93 32.90 -0.91
N ARG A 326 27.76 33.30 0.36
CA ARG A 326 27.74 32.37 1.51
C ARG A 326 26.60 31.36 1.33
N GLU A 327 26.79 30.16 1.87
CA GLU A 327 25.78 29.09 1.77
C GLU A 327 24.61 29.39 2.70
N VAL A 328 23.38 29.32 2.17
CA VAL A 328 22.15 29.49 2.98
C VAL A 328 21.10 28.42 2.63
N VAL A 329 20.15 28.19 3.53
CA VAL A 329 18.97 27.38 3.26
C VAL A 329 18.02 28.29 2.46
N CYS A 330 17.89 28.05 1.16
CA CYS A 330 17.05 28.94 0.34
C CYS A 330 15.55 28.70 0.44
N HIS A 331 15.13 27.50 0.88
CA HIS A 331 13.71 27.19 0.99
C HIS A 331 13.05 28.21 1.90
N ALA A 332 12.03 28.89 1.37
CA ALA A 332 11.34 29.98 2.08
C ALA A 332 10.75 29.49 3.39
N SER A 333 10.99 30.23 4.48
CA SER A 333 10.43 29.89 5.79
C SER A 333 10.18 31.13 6.64
N ALA A 334 9.29 30.97 7.61
CA ALA A 334 8.85 32.01 8.52
C ALA A 334 9.14 31.61 9.95
N TRP A 335 9.70 32.56 10.71
CA TRP A 335 10.34 32.26 11.98
C TRP A 335 9.75 33.02 13.13
N ASP A 336 9.38 32.27 14.16
CA ASP A 336 8.99 32.82 15.43
C ASP A 336 10.18 32.53 16.36
N PHE A 337 10.76 33.58 16.95
CA PHE A 337 11.83 33.45 17.93
C PHE A 337 11.35 33.25 19.38
N TYR A 338 10.03 33.26 19.59
CA TYR A 338 9.40 33.02 20.90
C TYR A 338 9.73 34.01 22.04
N ASN A 339 10.18 35.22 21.67
CA ASN A 339 10.40 36.29 22.65
C ASN A 339 9.37 37.40 22.49
N ARG A 340 8.39 37.17 21.61
CA ARG A 340 7.29 38.11 21.31
C ARG A 340 7.74 39.40 20.62
N LYS A 341 8.97 39.41 20.10
CA LYS A 341 9.57 40.60 19.50
C LYS A 341 10.14 40.30 18.14
N ASP A 342 10.92 39.22 18.05
CA ASP A 342 11.58 38.86 16.82
C ASP A 342 10.76 37.84 16.02
N PHE A 343 10.55 38.18 14.76
CA PHE A 343 9.79 37.37 13.81
C PHE A 343 10.41 37.69 12.47
N ARG A 344 10.75 36.66 11.69
CA ARG A 344 11.48 36.88 10.45
C ARG A 344 11.09 35.94 9.34
N ILE A 345 11.28 36.40 8.10
CA ILE A 345 11.22 35.49 6.94
C ILE A 345 12.64 35.31 6.39
N LYS A 346 12.92 34.10 5.94
CA LYS A 346 14.14 33.78 5.25
C LYS A 346 13.72 33.19 3.91
N GLN A 347 13.85 34.00 2.86
CA GLN A 347 13.44 33.61 1.50
C GLN A 347 14.45 34.12 0.48
N CYS A 348 14.89 33.24 -0.43
CA CYS A 348 15.75 33.66 -1.53
C CYS A 348 14.84 34.16 -2.65
N THR A 349 14.21 35.30 -2.40
CA THR A 349 13.11 35.82 -3.23
C THR A 349 13.54 36.06 -4.67
N ARG A 350 12.76 35.57 -5.62
CA ARG A 350 12.93 35.86 -7.04
C ARG A 350 11.70 36.62 -7.53
N VAL A 351 11.88 37.44 -8.57
CA VAL A 351 10.81 38.32 -9.06
C VAL A 351 9.92 37.55 -10.02
N THR A 352 8.93 36.87 -9.45
CA THR A 352 7.92 36.14 -10.24
C THR A 352 6.58 36.22 -9.50
N MET A 353 5.51 35.95 -10.25
CA MET A 353 4.16 35.89 -9.70
C MET A 353 4.00 34.80 -8.62
N ASP A 354 4.56 33.62 -8.85
CA ASP A 354 4.50 32.53 -7.85
C ASP A 354 5.25 32.89 -6.56
N GLN A 355 6.35 33.64 -6.70
CA GLN A 355 7.12 34.09 -5.56
C GLN A 355 6.37 35.14 -4.79
N LEU A 356 5.61 35.98 -5.50
CA LEU A 356 4.73 36.93 -4.84
C LEU A 356 3.70 36.16 -4.00
N SER A 357 3.16 35.06 -4.56
CA SER A 357 2.26 34.18 -3.79
C SER A 357 2.97 33.58 -2.57
N THR A 358 4.21 33.09 -2.76
CA THR A 358 5.05 32.57 -1.69
C THR A 358 5.31 33.61 -0.57
N VAL A 359 5.57 34.86 -0.95
CA VAL A 359 5.71 35.95 0.03
C VAL A 359 4.46 36.04 0.93
N HIS A 360 3.28 35.95 0.32
CA HIS A 360 2.03 35.99 1.08
C HIS A 360 1.90 34.77 1.98
N HIS A 361 2.26 33.60 1.45
CA HIS A 361 2.28 32.35 2.23
C HIS A 361 3.09 32.54 3.52
N GLU A 362 4.33 33.00 3.39
CA GLU A 362 5.23 33.17 4.53
C GLU A 362 4.76 34.29 5.46
N MET A 363 4.27 35.38 4.89
CA MET A 363 3.71 36.46 5.71
C MET A 363 2.46 36.04 6.50
N GLY A 364 1.69 35.07 5.96
CA GLY A 364 0.59 34.48 6.72
C GLY A 364 1.05 33.78 8.01
N HIS A 365 2.16 33.06 7.92
CA HIS A 365 2.80 32.47 9.10
C HIS A 365 3.18 33.56 10.12
N ILE A 366 3.86 34.62 9.64
CA ILE A 366 4.24 35.74 10.51
C ILE A 366 3.03 36.35 11.21
N GLN A 367 1.95 36.58 10.44
CA GLN A 367 0.77 37.20 11.00
C GLN A 367 0.18 36.36 12.14
N TYR A 368 0.12 35.03 11.94
CA TYR A 368 -0.31 34.10 12.99
C TYR A 368 0.57 34.35 14.24
N TYR A 369 1.90 34.39 14.07
CA TYR A 369 2.84 34.62 15.18
C TYR A 369 2.54 35.93 15.91
N LEU A 370 2.33 37.01 15.15
CA LEU A 370 1.98 38.32 15.73
C LEU A 370 0.70 38.32 16.55
N GLN A 371 -0.29 37.59 16.08
CA GLN A 371 -1.60 37.55 16.71
C GLN A 371 -1.68 36.68 17.97
N TYR A 372 -0.89 35.61 18.02
CA TYR A 372 -0.90 34.72 19.18
C TYR A 372 0.29 34.85 20.15
N LYS A 373 1.09 35.91 19.97
CA LYS A 373 2.35 36.06 20.70
C LYS A 373 2.20 36.11 22.24
N ASP A 374 1.01 36.51 22.69
CA ASP A 374 0.73 36.63 24.14
C ASP A 374 0.02 35.42 24.80
N LEU A 375 -0.13 34.35 24.04
CA LEU A 375 -0.57 33.07 24.60
C LEU A 375 0.64 32.34 25.22
N PRO A 376 0.38 31.36 26.13
CA PRO A 376 1.44 30.45 26.56
C PRO A 376 2.18 29.82 25.39
N VAL A 377 3.49 29.69 25.58
CA VAL A 377 4.39 29.20 24.55
C VAL A 377 3.95 27.88 23.85
N SER A 378 3.34 26.94 24.58
CA SER A 378 2.90 25.63 24.05
C SER A 378 1.72 25.79 23.06
N LEU A 379 0.97 26.85 23.27
CA LEU A 379 -0.22 27.20 22.50
C LEU A 379 0.04 28.14 21.31
N ARG A 380 1.30 28.49 21.12
CA ARG A 380 1.70 29.32 19.98
C ARG A 380 1.94 28.43 18.76
N ARG A 381 0.85 27.89 18.24
CA ARG A 381 0.87 27.14 16.97
C ARG A 381 -0.52 27.26 16.32
N GLY A 382 -0.69 26.76 15.10
CA GLY A 382 -2.00 26.86 14.44
C GLY A 382 -3.00 25.97 15.17
N ALA A 383 -4.30 26.19 14.92
CA ALA A 383 -5.35 25.28 15.43
C ALA A 383 -5.02 23.82 15.01
N ASN A 384 -4.56 23.67 13.77
CA ASN A 384 -3.73 22.51 13.41
C ASN A 384 -2.66 23.01 12.43
N PRO A 385 -1.65 22.19 12.06
CA PRO A 385 -0.62 22.71 11.12
C PRO A 385 -1.16 23.15 9.74
N GLY A 386 -2.25 22.55 9.28
CA GLY A 386 -2.90 22.95 8.02
C GLY A 386 -3.46 24.39 8.06
N PHE A 387 -3.97 24.81 9.23
CA PHE A 387 -4.40 26.21 9.45
C PHE A 387 -3.25 27.19 9.22
N HIS A 388 -2.08 26.87 9.78
CA HIS A 388 -0.90 27.73 9.66
C HIS A 388 -0.49 27.90 8.21
N GLU A 389 -0.52 26.79 7.47
CA GLU A 389 -0.24 26.81 6.04
C GLU A 389 -1.27 27.55 5.18
N ALA A 390 -2.52 27.66 5.65
CA ALA A 390 -3.60 28.21 4.84
C ALA A 390 -3.73 29.74 4.86
N ILE A 391 -3.26 30.39 5.93
CA ILE A 391 -3.50 31.83 6.15
C ILE A 391 -3.03 32.69 4.96
N GLY A 392 -1.75 32.59 4.59
CA GLY A 392 -1.21 33.41 3.51
C GLY A 392 -1.80 33.08 2.15
N ASP A 393 -2.01 31.79 1.90
CA ASP A 393 -2.65 31.32 0.67
C ASP A 393 -4.05 31.92 0.48
N VAL A 394 -4.84 32.01 1.55
CA VAL A 394 -6.17 32.66 1.49
C VAL A 394 -6.09 34.08 0.91
N LEU A 395 -5.17 34.90 1.43
CA LEU A 395 -5.01 36.26 0.92
C LEU A 395 -4.52 36.24 -0.51
N ALA A 396 -3.58 35.33 -0.81
CA ALA A 396 -3.02 35.19 -2.16
C ALA A 396 -4.12 34.87 -3.19
N LEU A 397 -5.17 34.16 -2.75
CA LEU A 397 -6.35 33.90 -3.62
C LEU A 397 -7.01 35.20 -4.09
N SER A 398 -7.14 36.14 -3.16
CA SER A 398 -7.69 37.46 -3.51
C SER A 398 -6.70 38.24 -4.38
N VAL A 399 -5.41 38.18 -4.03
CA VAL A 399 -4.36 38.91 -4.76
C VAL A 399 -4.28 38.50 -6.25
N SER A 400 -4.46 37.20 -6.50
CA SER A 400 -4.36 36.57 -7.82
C SER A 400 -5.45 37.00 -8.80
N THR A 401 -6.60 37.43 -8.29
CA THR A 401 -7.73 37.78 -9.15
C THR A 401 -7.32 38.88 -10.15
N PRO A 402 -7.75 38.75 -11.43
CA PRO A 402 -7.49 39.81 -12.42
C PRO A 402 -7.88 41.20 -11.92
N GLU A 403 -9.00 41.30 -11.20
CA GLU A 403 -9.44 42.55 -10.62
C GLU A 403 -8.42 43.13 -9.64
N HIS A 404 -7.88 42.30 -8.74
CA HIS A 404 -6.92 42.80 -7.76
C HIS A 404 -5.60 43.20 -8.42
N LEU A 405 -5.12 42.37 -9.34
CA LEU A 405 -3.89 42.66 -10.09
C LEU A 405 -3.99 44.02 -10.80
N HIS A 406 -5.16 44.32 -11.34
CA HIS A 406 -5.42 45.64 -11.93
C HIS A 406 -5.29 46.75 -10.90
N LYS A 407 -5.85 46.56 -9.71
CA LYS A 407 -5.73 47.55 -8.61
C LYS A 407 -4.28 47.85 -8.25
N ILE A 408 -3.40 46.87 -8.35
CA ILE A 408 -1.98 47.05 -7.98
C ILE A 408 -1.04 47.27 -9.17
N GLY A 409 -1.64 47.58 -10.33
CA GLY A 409 -0.89 47.99 -11.52
C GLY A 409 -0.19 46.89 -12.28
N LEU A 410 -0.64 45.65 -12.08
CA LEU A 410 0.00 44.47 -12.70
C LEU A 410 -0.80 43.89 -13.87
N LEU A 411 -1.95 44.47 -14.15
CA LEU A 411 -2.79 44.02 -15.26
C LEU A 411 -3.54 45.22 -15.78
N ASP A 412 -3.05 45.72 -16.92
CA ASP A 412 -3.59 46.89 -17.63
C ASP A 412 -5.06 46.70 -18.00
N ARG A 413 -5.35 45.65 -18.78
CA ARG A 413 -6.72 45.33 -19.19
C ARG A 413 -7.48 44.64 -18.06
N VAL A 414 -8.77 44.92 -17.97
CA VAL A 414 -9.67 44.13 -17.14
C VAL A 414 -10.85 43.65 -18.02
N THR A 415 -11.16 42.36 -17.94
CA THR A 415 -12.21 41.74 -18.75
C THR A 415 -13.08 40.88 -17.84
N ASN A 416 -14.37 40.77 -18.16
CA ASN A 416 -15.25 39.88 -17.41
C ASN A 416 -16.11 39.01 -18.32
N ASP A 417 -15.48 38.00 -18.91
CA ASP A 417 -16.15 37.13 -19.89
C ASP A 417 -15.80 35.69 -19.60
N THR A 418 -16.50 34.75 -20.22
CA THR A 418 -16.35 33.32 -19.90
C THR A 418 -14.96 32.81 -20.26
N GLU A 419 -14.39 33.28 -21.38
CA GLU A 419 -13.02 32.91 -21.80
C GLU A 419 -11.98 33.29 -20.75
N SER A 420 -12.09 34.53 -20.26
CA SER A 420 -11.17 35.09 -19.27
C SER A 420 -11.26 34.36 -17.95
N ASP A 421 -12.47 33.96 -17.58
CA ASP A 421 -12.70 33.13 -16.38
C ASP A 421 -12.06 31.75 -16.50
N ILE A 422 -12.20 31.14 -17.68
CA ILE A 422 -11.59 29.82 -17.94
C ILE A 422 -10.05 29.92 -17.85
N ASN A 423 -9.47 30.95 -18.48
CA ASN A 423 -8.02 31.18 -18.41
C ASN A 423 -7.57 31.27 -16.95
N TYR A 424 -8.26 32.10 -16.18
CA TYR A 424 -7.95 32.30 -14.76
C TYR A 424 -8.08 31.01 -13.94
N LEU A 425 -9.23 30.36 -14.06
CA LEU A 425 -9.46 29.11 -13.33
C LEU A 425 -8.49 27.99 -13.74
N LEU A 426 -8.11 27.93 -15.02
CA LEU A 426 -7.06 27.02 -15.43
C LEU A 426 -5.70 27.34 -14.81
N LYS A 427 -5.33 28.61 -14.81
CA LYS A 427 -4.07 29.03 -14.18
C LYS A 427 -4.05 28.61 -12.70
N MET A 428 -5.16 28.88 -12.00
CA MET A 428 -5.32 28.50 -10.58
C MET A 428 -5.32 26.99 -10.36
N ALA A 429 -5.94 26.24 -11.29
CA ALA A 429 -5.91 24.77 -11.24
C ALA A 429 -4.47 24.23 -11.36
N LEU A 430 -3.67 24.84 -12.25
CA LEU A 430 -2.25 24.45 -12.38
C LEU A 430 -1.48 24.57 -11.06
N GLU A 431 -1.88 25.55 -10.25
CA GLU A 431 -1.27 25.83 -8.95
C GLU A 431 -1.89 24.98 -7.85
N LYS A 432 -3.22 24.87 -7.82
CA LYS A 432 -3.95 24.31 -6.68
C LYS A 432 -4.40 22.87 -6.87
N ILE A 433 -4.92 22.54 -8.06
CA ILE A 433 -5.38 21.17 -8.37
C ILE A 433 -4.19 20.24 -8.61
N ALA A 434 -3.23 20.68 -9.42
CA ALA A 434 -2.03 19.88 -9.71
C ALA A 434 -1.26 19.48 -8.45
N PHE A 435 -1.27 20.34 -7.44
CA PHE A 435 -0.61 20.07 -6.17
C PHE A 435 -1.25 18.94 -5.33
N LEU A 436 -2.57 18.81 -5.42
CA LEU A 436 -3.31 17.88 -4.54
C LEU A 436 -2.72 16.46 -4.39
N PRO A 437 -2.45 15.75 -5.52
CA PRO A 437 -1.85 14.41 -5.40
C PRO A 437 -0.50 14.45 -4.67
N PHE A 438 0.34 15.42 -4.99
CA PHE A 438 1.65 15.51 -4.33
C PHE A 438 1.51 15.82 -2.83
N GLY A 439 0.65 16.78 -2.49
CA GLY A 439 0.39 17.11 -1.08
C GLY A 439 -0.12 15.94 -0.26
N TYR A 440 -0.90 15.08 -0.90
CA TYR A 440 -1.43 13.86 -0.30
C TYR A 440 -0.38 12.75 -0.17
N LEU A 441 0.42 12.54 -1.21
CA LEU A 441 1.31 11.36 -1.27
C LEU A 441 2.57 11.40 -0.38
N VAL A 442 3.14 12.58 -0.16
CA VAL A 442 4.47 12.69 0.51
C VAL A 442 4.46 12.00 1.88
N ASP A 443 3.45 12.30 2.68
CA ASP A 443 3.36 11.68 3.99
C ASP A 443 2.79 10.28 3.96
N GLN A 444 2.09 9.90 2.89
CA GLN A 444 1.79 8.46 2.72
C GLN A 444 3.11 7.68 2.62
N TRP A 445 4.02 8.21 1.81
CA TRP A 445 5.36 7.65 1.70
C TRP A 445 6.07 7.64 3.07
N ARG A 446 6.06 8.78 3.74
CA ARG A 446 6.76 8.93 5.00
C ARG A 446 6.15 8.11 6.14
N TRP A 447 4.81 8.04 6.20
CA TRP A 447 4.13 7.19 7.20
C TRP A 447 4.50 5.73 7.00
N GLY A 448 4.60 5.27 5.75
CA GLY A 448 5.01 3.89 5.45
C GLY A 448 6.46 3.62 5.88
N VAL A 449 7.32 4.63 5.73
CA VAL A 449 8.72 4.50 6.19
C VAL A 449 8.78 4.44 7.72
N PHE A 450 8.07 5.33 8.41
CA PHE A 450 8.06 5.32 9.88
C PHE A 450 7.48 4.01 10.44
N SER A 451 6.46 3.48 9.78
CA SER A 451 5.80 2.27 10.28
C SER A 451 6.60 1.01 9.96
N GLY A 452 7.59 1.13 9.09
CA GLY A 452 8.36 -0.04 8.64
C GLY A 452 7.76 -0.78 7.45
N ARG A 453 6.60 -0.34 6.96
CA ARG A 453 6.02 -0.93 5.73
C ARG A 453 6.95 -0.70 4.54
N THR A 454 7.64 0.44 4.53
CA THR A 454 8.66 0.81 3.54
C THR A 454 10.08 0.83 4.17
N PRO A 455 10.78 -0.32 4.12
CA PRO A 455 12.17 -0.40 4.58
C PRO A 455 13.09 0.33 3.59
N PRO A 456 14.35 0.62 3.98
CA PRO A 456 15.33 1.22 3.05
C PRO A 456 15.42 0.53 1.69
N SER A 457 15.27 -0.79 1.66
CA SER A 457 15.30 -1.53 0.40
C SER A 457 14.15 -1.19 -0.57
N ARG A 458 13.13 -0.45 -0.11
CA ARG A 458 12.03 -0.04 -0.98
C ARG A 458 11.72 1.47 -0.98
N TYR A 459 12.63 2.29 -0.44
CA TYR A 459 12.43 3.76 -0.37
C TYR A 459 12.04 4.34 -1.73
N ASN A 460 12.80 4.00 -2.77
CA ASN A 460 12.56 4.58 -4.10
C ASN A 460 11.45 3.90 -4.89
N PHE A 461 11.38 2.57 -4.78
CA PHE A 461 10.31 1.77 -5.39
C PHE A 461 8.94 2.26 -4.87
N ASP A 462 8.82 2.49 -3.57
CA ASP A 462 7.57 2.95 -2.98
C ASP A 462 7.30 4.42 -3.26
N TRP A 463 8.34 5.24 -3.30
CA TRP A 463 8.20 6.65 -3.67
C TRP A 463 7.61 6.75 -5.08
N TRP A 464 8.22 6.04 -6.03
CA TRP A 464 7.74 6.07 -7.41
C TRP A 464 6.40 5.39 -7.63
N TYR A 465 6.08 4.41 -6.78
CA TYR A 465 4.77 3.80 -6.81
C TYR A 465 3.71 4.89 -6.57
N LEU A 466 3.92 5.67 -5.51
CA LEU A 466 2.98 6.72 -5.10
C LEU A 466 2.96 7.88 -6.08
N ARG A 467 4.12 8.27 -6.58
CA ARG A 467 4.22 9.35 -7.59
C ARG A 467 3.43 9.00 -8.86
N THR A 468 3.57 7.77 -9.31
CA THR A 468 2.81 7.30 -10.45
C THR A 468 1.32 7.16 -10.11
N LYS A 469 1.02 6.50 -8.99
CA LYS A 469 -0.37 6.25 -8.58
C LYS A 469 -1.16 7.55 -8.50
N TYR A 470 -0.59 8.55 -7.83
CA TYR A 470 -1.28 9.80 -7.57
C TYR A 470 -1.08 10.90 -8.62
N GLN A 471 0.17 11.18 -8.96
CA GLN A 471 0.46 12.28 -9.89
C GLN A 471 0.43 11.87 -11.36
N GLY A 472 0.56 10.58 -11.65
CA GLY A 472 0.63 10.12 -13.05
C GLY A 472 1.84 10.67 -13.77
N ILE A 473 2.95 10.64 -13.05
CA ILE A 473 4.25 11.01 -13.58
C ILE A 473 5.22 9.82 -13.50
N CYS A 474 6.25 9.85 -14.32
CA CYS A 474 7.30 8.82 -14.34
C CYS A 474 8.67 9.49 -14.36
N PRO A 475 9.70 8.84 -13.75
CA PRO A 475 11.03 9.43 -13.83
C PRO A 475 11.51 9.40 -15.28
N PRO A 476 12.19 10.48 -15.74
CA PRO A 476 12.62 10.52 -17.15
C PRO A 476 13.90 9.74 -17.44
N VAL A 477 14.64 9.38 -16.39
CA VAL A 477 15.71 8.37 -16.48
C VAL A 477 15.38 7.20 -15.54
N THR A 478 15.99 6.05 -15.80
CA THR A 478 15.87 4.88 -14.92
C THR A 478 16.36 5.19 -13.50
N ARG A 479 15.62 4.72 -12.51
CA ARG A 479 16.03 4.86 -11.10
C ARG A 479 16.11 3.48 -10.48
N ASN A 480 16.95 3.34 -9.47
CA ASN A 480 17.07 2.11 -8.69
C ASN A 480 17.18 2.51 -7.21
N GLU A 481 17.39 1.58 -6.28
CA GLU A 481 17.45 1.85 -4.83
C GLU A 481 18.70 2.55 -4.31
N THR A 482 19.68 2.76 -5.17
CA THR A 482 20.77 3.68 -4.85
C THR A 482 20.23 5.12 -4.85
N HIS A 483 19.26 5.39 -5.71
CA HIS A 483 18.60 6.69 -5.73
C HIS A 483 17.62 6.84 -4.57
N PHE A 484 17.49 8.08 -4.07
CA PHE A 484 16.62 8.37 -2.94
C PHE A 484 15.92 9.70 -3.27
N ASP A 485 15.01 9.58 -4.23
CA ASP A 485 14.34 10.72 -4.83
C ASP A 485 13.43 11.46 -3.86
N ALA A 486 12.85 10.74 -2.88
CA ALA A 486 12.15 11.43 -1.78
C ALA A 486 13.06 12.46 -1.06
N GLY A 487 14.33 12.11 -0.89
CA GLY A 487 15.30 13.02 -0.23
C GLY A 487 15.62 14.29 -1.00
N ALA A 488 15.33 14.34 -2.29
CA ALA A 488 15.54 15.54 -3.11
C ALA A 488 14.42 16.59 -2.97
N LYS A 489 13.45 16.31 -2.10
CA LYS A 489 12.43 17.27 -1.73
C LYS A 489 12.73 17.84 -0.33
N PHE A 490 12.81 19.18 -0.20
CA PHE A 490 13.21 19.85 1.06
C PHE A 490 12.71 19.22 2.34
N HIS A 491 11.39 19.00 2.42
CA HIS A 491 10.74 18.61 3.65
C HIS A 491 11.17 17.25 4.22
N VAL A 492 11.69 16.39 3.36
CA VAL A 492 12.14 15.05 3.79
C VAL A 492 13.43 15.16 4.64
N PRO A 493 14.57 15.63 4.06
CA PRO A 493 15.78 15.76 4.90
C PRO A 493 15.64 16.79 6.01
N ASN A 494 14.76 17.79 5.83
CA ASN A 494 14.55 18.79 6.88
C ASN A 494 13.41 18.45 7.85
N VAL A 495 12.92 17.22 7.77
CA VAL A 495 11.97 16.65 8.73
C VAL A 495 10.77 17.58 8.99
N THR A 496 10.16 18.06 7.92
CA THR A 496 8.99 18.93 8.02
C THR A 496 7.83 18.11 7.50
N PRO A 497 6.79 17.86 8.34
CA PRO A 497 5.64 17.07 7.88
C PRO A 497 4.95 17.74 6.68
N TYR A 498 4.30 16.91 5.87
CA TYR A 498 3.72 17.36 4.60
C TYR A 498 2.20 17.38 4.49
N ILE A 499 1.52 16.51 5.25
CA ILE A 499 0.04 16.40 5.12
C ILE A 499 -0.66 17.73 5.39
N ARG A 500 -0.04 18.60 6.20
CA ARG A 500 -0.50 19.98 6.41
C ARG A 500 -0.81 20.74 5.11
N TYR A 501 -0.07 20.47 4.04
CA TYR A 501 -0.26 21.18 2.76
C TYR A 501 -1.50 20.69 2.02
N PHE A 502 -1.72 19.37 2.01
CA PHE A 502 -2.99 18.80 1.53
C PHE A 502 -4.19 19.39 2.30
N VAL A 503 -4.11 19.40 3.63
CA VAL A 503 -5.14 19.98 4.50
C VAL A 503 -5.36 21.48 4.19
N SER A 504 -4.25 22.20 4.06
CA SER A 504 -4.26 23.62 3.76
C SER A 504 -4.96 23.92 2.42
N PHE A 505 -4.66 23.12 1.40
CA PHE A 505 -5.23 23.35 0.06
C PHE A 505 -6.74 23.14 -0.02
N VAL A 506 -7.29 22.30 0.86
CA VAL A 506 -8.76 22.14 0.99
C VAL A 506 -9.29 23.28 1.85
N LEU A 507 -8.64 23.47 3.00
CA LEU A 507 -9.03 24.45 4.01
C LEU A 507 -9.07 25.88 3.47
N GLN A 508 -8.11 26.25 2.63
CA GLN A 508 -8.02 27.65 2.22
C GLN A 508 -9.25 28.10 1.43
N PHE A 509 -9.88 27.15 0.72
CA PHE A 509 -11.11 27.44 -0.03
C PHE A 509 -12.29 27.58 0.91
N GLN A 510 -12.31 26.80 1.99
CA GLN A 510 -13.33 26.97 3.04
C GLN A 510 -13.19 28.35 3.68
N PHE A 511 -11.95 28.76 3.96
CA PHE A 511 -11.70 30.07 4.58
C PHE A 511 -12.11 31.19 3.63
N HIS A 512 -11.69 31.03 2.37
CA HIS A 512 -11.98 32.00 1.30
C HIS A 512 -13.48 32.24 1.17
N GLU A 513 -14.24 31.17 1.06
CA GLU A 513 -15.70 31.26 0.97
C GLU A 513 -16.28 32.03 2.17
N ALA A 514 -15.82 31.69 3.39
CA ALA A 514 -16.33 32.33 4.59
C ALA A 514 -15.95 33.82 4.71
N LEU A 515 -14.72 34.16 4.36
CA LEU A 515 -14.27 35.56 4.43
C LEU A 515 -14.95 36.40 3.35
N CYS A 516 -15.13 35.81 2.18
CA CYS A 516 -15.87 36.47 1.09
C CYS A 516 -17.31 36.77 1.50
N LYS A 517 -17.96 35.80 2.12
CA LYS A 517 -19.32 36.00 2.66
C LYS A 517 -19.32 37.11 3.72
N GLU A 518 -18.35 37.08 4.62
CA GLU A 518 -18.25 38.08 5.68
C GLU A 518 -18.01 39.48 5.11
N ALA A 519 -17.21 39.54 4.04
CA ALA A 519 -16.94 40.79 3.32
C ALA A 519 -18.18 41.40 2.65
N GLY A 520 -19.27 40.62 2.60
CA GLY A 520 -20.51 41.00 1.92
C GLY A 520 -20.41 40.88 0.41
N TYR A 521 -19.43 40.09 -0.06
CA TYR A 521 -19.24 39.87 -1.49
C TYR A 521 -20.31 38.92 -2.06
N GLU A 522 -20.86 39.26 -3.23
CA GLU A 522 -22.07 38.62 -3.77
C GLU A 522 -21.87 37.84 -5.07
N GLY A 523 -20.73 38.01 -5.74
CA GLY A 523 -20.49 37.40 -7.04
C GLY A 523 -19.93 35.98 -7.01
N PRO A 524 -19.40 35.50 -8.16
CA PRO A 524 -18.71 34.21 -8.27
C PRO A 524 -17.55 34.13 -7.28
N LEU A 525 -17.46 33.00 -6.59
CA LEU A 525 -16.42 32.79 -5.55
C LEU A 525 -15.00 33.10 -6.04
N HIS A 526 -14.70 32.66 -7.26
CA HIS A 526 -13.36 32.85 -7.85
C HIS A 526 -13.05 34.30 -8.27
N GLN A 527 -14.03 35.20 -8.16
CA GLN A 527 -13.77 36.61 -8.44
C GLN A 527 -13.78 37.47 -7.18
N CYS A 528 -13.87 36.84 -6.02
CA CYS A 528 -13.90 37.58 -4.76
C CYS A 528 -12.52 38.13 -4.44
N ASP A 529 -12.48 39.38 -3.98
CA ASP A 529 -11.25 40.00 -3.47
C ASP A 529 -11.63 40.59 -2.12
N ILE A 530 -11.02 40.07 -1.04
CA ILE A 530 -11.33 40.53 0.31
C ILE A 530 -10.59 41.82 0.71
N TYR A 531 -9.71 42.32 -0.19
CA TYR A 531 -8.90 43.53 0.05
C TYR A 531 -9.70 44.62 0.69
N ARG A 532 -9.15 45.22 1.75
CA ARG A 532 -9.81 46.33 2.47
C ARG A 532 -11.10 45.98 3.24
N SER A 533 -11.43 44.69 3.34
CA SER A 533 -12.58 44.28 4.16
C SER A 533 -12.14 44.12 5.62
N THR A 534 -12.49 45.11 6.43
CA THR A 534 -12.16 45.07 7.86
C THR A 534 -13.02 44.00 8.56
N LYS A 535 -14.22 43.74 8.05
CA LYS A 535 -15.08 42.64 8.55
C LYS A 535 -14.42 41.25 8.32
N ALA A 536 -13.90 41.03 7.11
CA ALA A 536 -13.15 39.79 6.81
C ALA A 536 -11.91 39.69 7.70
N GLY A 537 -11.23 40.82 7.89
CA GLY A 537 -10.04 40.87 8.76
C GLY A 537 -10.32 40.45 10.19
N ALA A 538 -11.42 40.95 10.75
CA ALA A 538 -11.82 40.63 12.13
C ALA A 538 -12.15 39.15 12.28
N LYS A 539 -12.81 38.57 11.27
CA LYS A 539 -13.15 37.14 11.29
C LYS A 539 -11.87 36.27 11.24
N LEU A 540 -10.94 36.65 10.37
CA LEU A 540 -9.65 35.96 10.29
C LEU A 540 -8.82 36.14 11.59
N ARG A 541 -8.90 37.32 12.19
CA ARG A 541 -8.15 37.63 13.42
C ARG A 541 -8.55 36.73 14.59
N LYS A 542 -9.84 36.43 14.70
CA LYS A 542 -10.37 35.48 15.69
C LYS A 542 -9.68 34.11 15.60
N VAL A 543 -9.51 33.58 14.39
CA VAL A 543 -8.78 32.33 14.17
C VAL A 543 -7.33 32.46 14.63
N LEU A 544 -6.67 33.54 14.19
CA LEU A 544 -5.24 33.73 14.45
C LEU A 544 -4.91 33.86 15.94
N ARG A 545 -5.74 34.61 16.66
CA ARG A 545 -5.55 34.86 18.11
C ARG A 545 -5.79 33.63 19.00
N ALA A 546 -6.48 32.62 18.44
CA ALA A 546 -6.77 31.38 19.16
C ALA A 546 -5.55 30.45 19.28
N GLY A 547 -4.59 30.56 18.36
CA GLY A 547 -3.48 29.61 18.28
C GLY A 547 -4.01 28.18 18.38
N SER A 548 -3.37 27.36 19.22
CA SER A 548 -3.86 25.99 19.48
C SER A 548 -4.55 25.83 20.83
N SER A 549 -5.11 26.93 21.33
CA SER A 549 -5.79 26.94 22.62
C SER A 549 -7.12 26.16 22.63
N ARG A 550 -7.73 26.02 21.44
CA ARG A 550 -9.04 25.36 21.28
C ARG A 550 -9.00 24.29 20.17
N PRO A 551 -9.83 23.23 20.28
CA PRO A 551 -9.87 22.21 19.23
C PRO A 551 -10.10 22.84 17.87
N TRP A 552 -9.32 22.41 16.87
CA TRP A 552 -9.42 23.00 15.52
C TRP A 552 -10.82 22.86 14.91
N GLN A 553 -11.53 21.78 15.26
CA GLN A 553 -12.88 21.55 14.76
C GLN A 553 -13.84 22.66 15.21
N GLU A 554 -13.61 23.18 16.43
CA GLU A 554 -14.46 24.24 17.00
C GLU A 554 -14.10 25.62 16.45
N VAL A 555 -12.81 25.86 16.27
CA VAL A 555 -12.31 27.08 15.63
C VAL A 555 -12.83 27.16 14.18
N LEU A 556 -12.73 26.05 13.44
CA LEU A 556 -13.28 25.97 12.08
C LEU A 556 -14.77 26.23 12.07
N LYS A 557 -15.50 25.59 13.00
CA LYS A 557 -16.95 25.79 13.13
C LYS A 557 -17.31 27.26 13.29
N ASP A 558 -16.61 27.95 14.18
CA ASP A 558 -16.80 29.38 14.40
C ASP A 558 -16.55 30.22 13.16
N MET A 559 -15.55 29.82 12.37
CA MET A 559 -15.18 30.60 11.22
C MET A 559 -16.11 30.34 10.03
N VAL A 560 -16.33 29.08 9.69
CA VAL A 560 -16.98 28.70 8.43
C VAL A 560 -18.34 28.03 8.58
N GLY A 561 -18.77 27.76 9.82
CA GLY A 561 -20.06 27.11 10.06
C GLY A 561 -20.06 25.59 9.93
N LEU A 562 -18.88 24.99 9.78
CA LEU A 562 -18.75 23.55 9.68
C LEU A 562 -17.56 23.10 10.52
N ASP A 563 -17.67 21.94 11.15
CA ASP A 563 -16.60 21.48 12.05
C ASP A 563 -15.62 20.49 11.38
N ALA A 564 -15.67 20.39 10.06
CA ALA A 564 -14.88 19.42 9.33
C ALA A 564 -14.28 20.00 8.06
N LEU A 565 -13.19 19.38 7.60
CA LEU A 565 -12.65 19.68 6.28
C LEU A 565 -13.68 19.27 5.25
N ASP A 566 -13.79 20.06 4.19
CA ASP A 566 -14.86 19.88 3.19
C ASP A 566 -14.34 20.36 1.84
N ALA A 567 -14.43 19.50 0.82
CA ALA A 567 -14.00 19.82 -0.55
C ALA A 567 -14.97 20.71 -1.32
N GLN A 568 -16.20 20.85 -0.81
CA GLN A 568 -17.23 21.61 -1.52
C GLN A 568 -16.84 23.07 -1.88
N PRO A 569 -16.19 23.82 -0.96
CA PRO A 569 -15.80 25.17 -1.41
C PRO A 569 -14.78 25.19 -2.56
N LEU A 570 -13.79 24.27 -2.53
CA LEU A 570 -12.83 24.14 -3.63
C LEU A 570 -13.55 23.76 -4.93
N LEU A 571 -14.48 22.80 -4.82
CA LEU A 571 -15.25 22.35 -6.00
C LEU A 571 -16.09 23.48 -6.58
N LYS A 572 -16.73 24.26 -5.70
CA LYS A 572 -17.51 25.43 -6.09
C LYS A 572 -16.65 26.45 -6.83
N TYR A 573 -15.46 26.68 -6.31
CA TYR A 573 -14.53 27.67 -6.86
C TYR A 573 -14.14 27.31 -8.29
N PHE A 574 -13.85 26.03 -8.52
CA PHE A 574 -13.31 25.56 -9.79
C PHE A 574 -14.35 25.06 -10.81
N GLN A 575 -15.61 25.06 -10.39
CA GLN A 575 -16.73 24.43 -11.11
C GLN A 575 -16.75 24.69 -12.63
N LEU A 576 -16.56 25.95 -13.03
CA LEU A 576 -16.56 26.30 -14.46
C LEU A 576 -15.44 25.61 -15.25
N VAL A 577 -14.24 25.58 -14.69
CA VAL A 577 -13.12 24.93 -15.40
C VAL A 577 -13.17 23.40 -15.28
N THR A 578 -13.76 22.89 -14.19
CA THR A 578 -13.96 21.45 -14.02
C THR A 578 -14.88 20.94 -15.16
N GLN A 579 -15.98 21.65 -15.37
CA GLN A 579 -16.90 21.34 -16.45
C GLN A 579 -16.24 21.51 -17.83
N TRP A 580 -15.52 22.61 -18.02
CA TRP A 580 -14.83 22.90 -19.29
C TRP A 580 -13.76 21.86 -19.68
N LEU A 581 -12.90 21.47 -18.73
CA LEU A 581 -11.84 20.51 -19.02
C LEU A 581 -12.40 19.14 -19.41
N GLN A 582 -13.46 18.73 -18.71
CA GLN A 582 -14.15 17.47 -18.91
C GLN A 582 -14.74 17.44 -20.31
N GLU A 583 -15.39 18.54 -20.72
CA GLU A 583 -15.91 18.70 -22.08
C GLU A 583 -14.81 18.64 -23.13
N GLN A 584 -13.74 19.41 -22.91
CA GLN A 584 -12.59 19.44 -23.81
C GLN A 584 -11.90 18.07 -24.00
N ASN A 585 -11.66 17.36 -22.90
CA ASN A 585 -11.08 16.02 -22.95
C ASN A 585 -11.93 15.02 -23.75
N GLN A 586 -13.25 15.07 -23.54
CA GLN A 586 -14.20 14.21 -24.26
C GLN A 586 -14.14 14.49 -25.76
N GLN A 587 -14.31 15.76 -26.12
CA GLN A 587 -14.19 16.20 -27.51
C GLN A 587 -12.83 15.90 -28.15
N ASN A 588 -11.78 15.80 -27.34
CA ASN A 588 -10.46 15.46 -27.88
C ASN A 588 -10.18 13.96 -27.90
N GLY A 589 -11.12 13.16 -27.40
CA GLY A 589 -10.96 11.70 -27.29
C GLY A 589 -9.83 11.25 -26.38
N GLU A 590 -9.64 11.97 -25.27
CA GLU A 590 -8.56 11.68 -24.33
C GLU A 590 -8.87 10.46 -23.48
N VAL A 591 -7.84 9.73 -23.09
CA VAL A 591 -7.98 8.76 -22.01
C VAL A 591 -7.64 9.45 -20.69
N LEU A 592 -8.55 9.37 -19.73
CA LEU A 592 -8.30 9.89 -18.41
C LEU A 592 -7.48 8.86 -17.63
N GLY A 593 -6.36 9.30 -17.08
CA GLY A 593 -5.45 8.38 -16.41
C GLY A 593 -4.29 7.99 -17.29
N TRP A 594 -3.55 6.99 -16.84
CA TRP A 594 -2.31 6.60 -17.49
C TRP A 594 -2.21 5.06 -17.50
N PRO A 595 -3.11 4.39 -18.29
CA PRO A 595 -3.17 2.91 -18.26
C PRO A 595 -1.87 2.21 -18.68
N GLU A 596 -1.04 2.89 -19.48
CA GLU A 596 0.31 2.40 -19.77
C GLU A 596 1.29 2.80 -18.66
N TYR A 597 1.04 2.26 -17.48
CA TYR A 597 1.74 2.63 -16.24
C TYR A 597 3.24 2.29 -16.23
N GLN A 598 3.64 1.39 -17.12
CA GLN A 598 5.03 0.94 -17.16
C GLN A 598 5.89 1.84 -18.06
N TRP A 599 5.24 2.70 -18.83
CA TRP A 599 5.92 3.52 -19.84
C TRP A 599 6.91 4.53 -19.24
N HIS A 600 8.12 4.53 -19.79
CA HIS A 600 9.10 5.58 -19.52
C HIS A 600 9.58 6.19 -20.85
N PRO A 601 9.91 7.49 -20.87
CA PRO A 601 10.42 8.09 -22.11
C PRO A 601 11.82 7.56 -22.48
N PRO A 602 12.17 7.56 -23.78
CA PRO A 602 13.56 7.19 -24.11
C PRO A 602 14.50 8.35 -23.73
N LEU A 603 15.79 8.08 -23.68
CA LEU A 603 16.81 9.11 -23.50
C LEU A 603 16.97 9.89 -24.80
N PRO A 604 17.28 11.20 -24.73
CA PRO A 604 17.69 11.95 -25.95
C PRO A 604 18.95 11.36 -26.57
N ASP A 605 19.12 11.52 -27.88
CA ASP A 605 20.19 10.86 -28.63
C ASP A 605 21.61 11.16 -28.14
N ASN A 606 21.89 12.44 -27.90
CA ASN A 606 23.21 12.89 -27.48
C ASN A 606 23.27 13.22 -25.99
N TYR A 607 22.70 12.33 -25.17
CA TYR A 607 22.64 12.56 -23.73
C TYR A 607 23.81 11.91 -22.98
N PRO A 608 24.54 12.67 -22.16
CA PRO A 608 24.24 14.09 -21.90
C PRO A 608 25.23 15.14 -22.48
N GLU A 609 26.05 14.74 -23.47
CA GLU A 609 27.02 15.66 -24.09
C GLU A 609 26.35 16.86 -24.76
N GLY A 610 26.98 18.03 -24.65
CA GLY A 610 26.47 19.28 -25.20
C GLY A 610 25.14 19.69 -24.61
N LEU B 1 -39.17 -21.56 -3.23
CA LEU B 1 -38.58 -22.63 -2.36
C LEU B 1 -39.66 -23.60 -1.88
N ASP B 2 -39.39 -24.89 -2.03
CA ASP B 2 -40.21 -25.96 -1.50
C ASP B 2 -40.54 -25.77 0.00
N PRO B 3 -41.83 -25.95 0.37
CA PRO B 3 -42.36 -25.89 1.75
C PRO B 3 -41.54 -26.70 2.78
N GLY B 4 -41.19 -27.94 2.42
CA GLY B 4 -40.35 -28.82 3.26
C GLY B 4 -38.98 -28.27 3.62
N LEU B 5 -38.51 -27.30 2.83
CA LEU B 5 -37.22 -26.62 3.06
C LEU B 5 -37.35 -25.26 3.78
N GLN B 6 -38.59 -24.74 3.88
CA GLN B 6 -38.87 -23.46 4.53
C GLN B 6 -38.88 -23.59 6.07
N PRO B 7 -38.44 -22.53 6.79
CA PRO B 7 -38.26 -22.68 8.26
C PRO B 7 -39.57 -22.70 9.07
N GLY B 8 -39.63 -23.59 10.07
CA GLY B 8 -40.77 -23.66 10.98
C GLY B 8 -40.63 -22.63 12.09
N GLN B 9 -41.59 -22.63 13.02
CA GLN B 9 -41.55 -21.73 14.17
C GLN B 9 -40.80 -22.36 15.35
N PHE B 10 -40.03 -21.52 16.04
CA PHE B 10 -39.21 -21.95 17.18
C PHE B 10 -39.27 -20.87 18.26
N SER B 11 -39.16 -21.29 19.52
CA SER B 11 -39.11 -20.36 20.65
C SER B 11 -37.84 -19.51 20.59
N ALA B 12 -37.97 -18.26 21.02
CA ALA B 12 -36.89 -17.26 21.00
C ALA B 12 -36.01 -17.37 22.24
N ASP B 13 -35.29 -18.50 22.33
CA ASP B 13 -34.35 -18.80 23.41
C ASP B 13 -33.38 -19.90 22.98
N GLU B 14 -32.37 -20.16 23.80
CA GLU B 14 -31.32 -21.14 23.51
C GLU B 14 -31.84 -22.56 23.17
N ALA B 15 -32.84 -23.02 23.91
CA ALA B 15 -33.45 -24.35 23.72
C ALA B 15 -34.14 -24.46 22.35
N GLY B 16 -34.95 -23.45 22.01
CA GLY B 16 -35.57 -23.34 20.68
C GLY B 16 -34.54 -23.21 19.56
N ALA B 17 -33.45 -22.48 19.84
CA ALA B 17 -32.32 -22.33 18.90
C ALA B 17 -31.57 -23.63 18.61
N GLN B 18 -31.54 -24.54 19.59
CA GLN B 18 -30.92 -25.86 19.41
C GLN B 18 -31.74 -26.71 18.43
N LEU B 19 -33.07 -26.61 18.58
CA LEU B 19 -34.02 -27.23 17.66
C LEU B 19 -33.98 -26.58 16.27
N PHE B 20 -33.83 -25.25 16.25
CA PHE B 20 -33.74 -24.46 15.02
C PHE B 20 -32.55 -24.93 14.18
N ALA B 21 -31.40 -25.03 14.85
CA ALA B 21 -30.13 -25.47 14.25
C ALA B 21 -30.26 -26.88 13.65
N GLN B 22 -30.86 -27.80 14.41
CA GLN B 22 -31.16 -29.16 13.92
C GLN B 22 -32.01 -29.16 12.65
N SER B 23 -33.07 -28.36 12.64
CA SER B 23 -33.99 -28.25 11.52
C SER B 23 -33.34 -27.62 10.30
N TYR B 24 -32.50 -26.60 10.53
CA TYR B 24 -31.70 -25.96 9.47
C TYR B 24 -30.81 -26.95 8.71
N GLN B 25 -29.97 -27.65 9.46
CA GLN B 25 -28.97 -28.57 8.91
C GLN B 25 -29.59 -29.84 8.32
N SER B 26 -30.83 -30.12 8.74
CA SER B 26 -31.68 -31.15 8.13
C SER B 26 -32.04 -30.83 6.67
N SER B 27 -32.48 -29.60 6.41
CA SER B 27 -32.86 -29.19 5.05
C SER B 27 -31.67 -28.71 4.23
N ALA B 28 -30.62 -28.25 4.92
CA ALA B 28 -29.42 -27.72 4.28
C ALA B 28 -28.66 -28.78 3.48
N GLU B 29 -28.60 -30.00 4.01
CA GLU B 29 -27.97 -31.15 3.30
C GLU B 29 -28.49 -31.31 1.88
N GLN B 30 -29.81 -31.22 1.73
CA GLN B 30 -30.49 -31.39 0.44
C GLN B 30 -30.18 -30.27 -0.54
N VAL B 31 -30.12 -29.03 -0.01
CA VAL B 31 -29.86 -27.83 -0.81
C VAL B 31 -28.39 -27.82 -1.22
N LEU B 32 -27.50 -28.07 -0.27
CA LEU B 32 -26.06 -28.14 -0.54
C LEU B 32 -25.75 -29.24 -1.55
N PHE B 33 -26.34 -30.43 -1.36
CA PHE B 33 -26.15 -31.52 -2.32
C PHE B 33 -26.49 -31.15 -3.75
N GLN B 34 -27.63 -30.50 -3.99
CA GLN B 34 -28.04 -30.16 -5.37
C GLN B 34 -27.17 -29.06 -6.01
N SER B 35 -26.67 -28.15 -5.19
CA SER B 35 -25.66 -27.17 -5.65
C SER B 35 -24.37 -27.87 -6.04
N VAL B 36 -23.83 -28.71 -5.15
CA VAL B 36 -22.53 -29.36 -5.40
C VAL B 36 -22.65 -30.26 -6.63
N ALA B 37 -23.73 -31.04 -6.71
CA ALA B 37 -24.00 -31.93 -7.84
C ALA B 37 -24.06 -31.19 -9.19
N ALA B 38 -24.75 -30.06 -9.21
CA ALA B 38 -24.81 -29.20 -10.41
C ALA B 38 -23.45 -28.55 -10.75
N SER B 39 -22.69 -28.14 -9.72
CA SER B 39 -21.34 -27.63 -9.94
C SER B 39 -20.45 -28.72 -10.57
N TRP B 40 -20.53 -29.93 -10.04
CA TRP B 40 -19.80 -31.09 -10.57
C TRP B 40 -20.13 -31.34 -12.04
N ALA B 41 -21.43 -31.41 -12.36
CA ALA B 41 -21.89 -31.61 -13.73
C ALA B 41 -21.32 -30.58 -14.70
N HIS B 42 -21.22 -29.33 -14.26
CA HIS B 42 -20.58 -28.30 -15.08
C HIS B 42 -19.05 -28.45 -15.18
N ASP B 43 -18.36 -28.60 -14.06
CA ASP B 43 -16.89 -28.55 -14.07
C ASP B 43 -16.23 -29.73 -14.79
N THR B 44 -16.94 -30.85 -14.87
CA THR B 44 -16.42 -32.04 -15.58
C THR B 44 -16.99 -32.10 -17.01
N ASN B 45 -17.67 -31.04 -17.43
CA ASN B 45 -18.40 -30.99 -18.69
C ASN B 45 -18.95 -29.57 -18.93
N ILE B 46 -18.06 -28.65 -19.32
CA ILE B 46 -18.41 -27.23 -19.46
C ILE B 46 -19.28 -27.02 -20.72
N THR B 47 -20.57 -26.76 -20.49
CA THR B 47 -21.52 -26.35 -21.54
C THR B 47 -22.43 -25.24 -21.01
N ALA B 48 -23.04 -24.50 -21.94
CA ALA B 48 -24.08 -23.51 -21.63
C ALA B 48 -25.22 -24.08 -20.79
N GLU B 49 -25.64 -25.30 -21.12
CA GLU B 49 -26.73 -26.00 -20.44
C GLU B 49 -26.38 -26.34 -18.99
N ASN B 50 -25.19 -26.91 -18.82
CA ASN B 50 -24.65 -27.23 -17.51
C ASN B 50 -24.45 -25.97 -16.66
N ALA B 51 -24.02 -24.88 -17.29
CA ALA B 51 -23.98 -23.56 -16.65
C ALA B 51 -25.37 -23.07 -16.17
N ARG B 52 -26.38 -23.19 -17.05
CA ARG B 52 -27.77 -22.85 -16.70
C ARG B 52 -28.27 -23.63 -15.47
N ARG B 53 -27.99 -24.93 -15.45
CA ARG B 53 -28.40 -25.82 -14.36
C ARG B 53 -27.75 -25.41 -13.04
N GLN B 54 -26.44 -25.19 -13.09
CA GLN B 54 -25.67 -24.79 -11.92
C GLN B 54 -26.19 -23.46 -11.35
N GLU B 55 -26.57 -22.54 -12.24
CA GLU B 55 -27.18 -21.25 -11.87
C GLU B 55 -28.56 -21.36 -11.19
N GLU B 56 -29.43 -22.24 -11.73
CA GLU B 56 -30.70 -22.61 -11.11
C GLU B 56 -30.45 -23.09 -9.68
N ALA B 57 -29.43 -23.94 -9.52
CA ALA B 57 -29.12 -24.54 -8.23
C ALA B 57 -28.67 -23.47 -7.24
N ALA B 58 -27.85 -22.54 -7.73
CA ALA B 58 -27.29 -21.44 -6.93
C ALA B 58 -28.39 -20.49 -6.43
N LEU B 59 -29.34 -20.18 -7.30
CA LEU B 59 -30.56 -19.42 -6.92
C LEU B 59 -31.34 -20.08 -5.80
N LEU B 60 -31.47 -21.40 -5.88
CA LEU B 60 -32.21 -22.17 -4.91
C LEU B 60 -31.51 -22.10 -3.54
N SER B 61 -30.18 -22.18 -3.57
CA SER B 61 -29.34 -21.99 -2.38
C SER B 61 -29.60 -20.63 -1.74
N GLN B 62 -29.60 -19.60 -2.57
CA GLN B 62 -29.82 -18.23 -2.11
C GLN B 62 -31.23 -18.02 -1.51
N GLU B 63 -32.24 -18.63 -2.13
CA GLU B 63 -33.58 -18.71 -1.53
C GLU B 63 -33.52 -19.34 -0.14
N PHE B 64 -32.88 -20.51 -0.06
CA PHE B 64 -32.75 -21.24 1.18
C PHE B 64 -32.03 -20.44 2.28
N ALA B 65 -30.89 -19.82 1.93
CA ALA B 65 -30.10 -19.03 2.89
C ALA B 65 -30.85 -17.78 3.35
N GLU B 66 -31.56 -17.14 2.40
CA GLU B 66 -32.41 -16.00 2.72
C GLU B 66 -33.50 -16.34 3.77
N ALA B 67 -34.27 -17.40 3.52
CA ALA B 67 -35.37 -17.81 4.41
C ALA B 67 -34.85 -18.09 5.83
N TRP B 68 -33.76 -18.87 5.92
CA TRP B 68 -33.23 -19.33 7.20
C TRP B 68 -32.41 -18.27 7.95
N GLY B 69 -31.74 -17.41 7.18
CA GLY B 69 -31.07 -16.21 7.71
C GLY B 69 -32.04 -15.21 8.32
N GLN B 70 -33.07 -14.85 7.55
CA GLN B 70 -34.17 -13.98 8.02
C GLN B 70 -34.82 -14.49 9.30
N LYS B 71 -35.16 -15.77 9.31
CA LYS B 71 -35.80 -16.40 10.47
C LYS B 71 -34.91 -16.36 11.72
N ALA B 72 -33.61 -16.65 11.55
CA ALA B 72 -32.63 -16.60 12.64
C ALA B 72 -32.47 -15.19 13.22
N LYS B 73 -32.52 -14.18 12.35
CA LYS B 73 -32.51 -12.78 12.77
C LYS B 73 -33.79 -12.41 13.52
N GLU B 74 -34.94 -12.82 12.96
CA GLU B 74 -36.24 -12.66 13.63
C GLU B 74 -36.27 -13.29 15.03
N LEU B 75 -35.69 -14.49 15.15
CA LEU B 75 -35.79 -15.22 16.40
C LEU B 75 -34.66 -14.91 17.39
N TYR B 76 -33.42 -14.81 16.92
CA TYR B 76 -32.26 -14.85 17.82
C TYR B 76 -31.29 -13.66 17.81
N GLU B 77 -31.55 -12.66 16.94
CA GLU B 77 -30.63 -11.52 16.77
C GLU B 77 -30.24 -10.78 18.06
N PRO B 78 -31.21 -10.48 18.96
CA PRO B 78 -30.75 -9.82 20.20
C PRO B 78 -30.04 -10.74 21.21
N ILE B 79 -30.17 -12.06 21.06
CA ILE B 79 -29.86 -13.02 22.15
C ILE B 79 -28.75 -14.07 21.92
N TRP B 80 -28.47 -14.42 20.65
CA TRP B 80 -27.59 -15.56 20.32
C TRP B 80 -26.13 -15.48 20.82
N GLN B 81 -25.57 -14.27 20.82
CA GLN B 81 -24.20 -14.05 21.32
C GLN B 81 -24.04 -14.35 22.82
N GLN B 82 -25.16 -14.35 23.55
CA GLN B 82 -25.17 -14.66 24.99
C GLN B 82 -25.51 -16.13 25.33
N PHE B 83 -25.66 -16.98 24.31
CA PHE B 83 -25.92 -18.43 24.51
C PHE B 83 -24.74 -19.14 25.15
N THR B 84 -25.04 -20.08 26.04
CA THR B 84 -24.00 -20.82 26.79
C THR B 84 -23.32 -21.93 25.97
N ASP B 85 -24.02 -22.48 24.98
CA ASP B 85 -23.45 -23.43 24.01
C ASP B 85 -22.61 -22.67 22.96
N PRO B 86 -21.26 -22.82 22.99
CA PRO B 86 -20.41 -22.10 22.02
C PRO B 86 -20.47 -22.65 20.59
N GLN B 87 -20.77 -23.94 20.44
CA GLN B 87 -20.95 -24.55 19.11
C GLN B 87 -22.22 -24.02 18.44
N LEU B 88 -23.29 -23.89 19.23
CA LEU B 88 -24.56 -23.32 18.79
C LEU B 88 -24.44 -21.86 18.36
N ARG B 89 -23.70 -21.06 19.13
CA ARG B 89 -23.41 -19.66 18.79
C ARG B 89 -22.75 -19.53 17.41
N ARG B 90 -21.85 -20.47 17.10
CA ARG B 90 -21.16 -20.53 15.81
C ARG B 90 -22.09 -20.96 14.67
N ILE B 91 -23.00 -21.90 14.96
CA ILE B 91 -23.99 -22.33 13.96
C ILE B 91 -24.92 -21.15 13.61
N ILE B 92 -25.45 -20.47 14.61
CA ILE B 92 -26.40 -19.35 14.40
C ILE B 92 -25.72 -18.16 13.71
N GLY B 93 -24.52 -17.82 14.20
CA GLY B 93 -23.61 -16.85 13.54
C GLY B 93 -23.40 -17.15 12.04
N ALA B 94 -23.19 -18.43 11.72
CA ALA B 94 -23.08 -18.88 10.32
C ALA B 94 -24.38 -18.64 9.55
N VAL B 95 -25.50 -19.07 10.14
CA VAL B 95 -26.85 -18.97 9.55
C VAL B 95 -27.30 -17.53 9.26
N ARG B 96 -27.05 -16.62 10.21
CA ARG B 96 -27.44 -15.21 10.07
C ARG B 96 -26.56 -14.40 9.09
N THR B 97 -25.53 -15.05 8.54
CA THR B 97 -24.70 -14.44 7.48
C THR B 97 -25.22 -14.91 6.13
N LEU B 98 -25.82 -13.99 5.38
CA LEU B 98 -26.59 -14.32 4.17
C LEU B 98 -25.78 -14.28 2.88
N GLY B 99 -24.79 -13.41 2.83
CA GLY B 99 -23.91 -13.30 1.65
C GLY B 99 -24.67 -12.84 0.43
N SER B 100 -24.42 -13.51 -0.70
CA SER B 100 -25.11 -13.23 -1.98
C SER B 100 -26.64 -13.35 -1.94
N ALA B 101 -27.17 -13.90 -0.84
CA ALA B 101 -28.62 -13.97 -0.60
C ALA B 101 -29.18 -12.61 -0.16
N ASN B 102 -28.31 -11.72 0.30
CA ASN B 102 -28.65 -10.32 0.57
C ASN B 102 -29.03 -9.57 -0.69
N LEU B 103 -28.63 -10.10 -1.84
CA LEU B 103 -28.91 -9.47 -3.12
C LEU B 103 -30.36 -9.66 -3.56
N PRO B 104 -30.95 -8.63 -4.21
CA PRO B 104 -32.24 -8.81 -4.88
C PRO B 104 -32.09 -9.85 -5.99
N LEU B 105 -33.20 -10.48 -6.40
CA LEU B 105 -33.23 -11.59 -7.39
C LEU B 105 -32.45 -11.29 -8.66
N ALA B 106 -32.71 -10.14 -9.26
CA ALA B 106 -32.09 -9.71 -10.53
C ALA B 106 -30.57 -9.65 -10.42
N LYS B 107 -30.09 -9.25 -9.24
CA LYS B 107 -28.65 -9.19 -9.00
C LYS B 107 -28.07 -10.54 -8.59
N ARG B 108 -28.93 -11.40 -8.02
CA ARG B 108 -28.56 -12.78 -7.71
C ARG B 108 -28.29 -13.55 -9.00
N GLN B 109 -29.13 -13.34 -10.00
CA GLN B 109 -28.95 -13.94 -11.33
C GLN B 109 -27.64 -13.47 -11.93
N GLN B 110 -27.43 -12.15 -11.89
CA GLN B 110 -26.26 -11.49 -12.46
C GLN B 110 -24.93 -12.00 -11.87
N TYR B 111 -24.87 -12.09 -10.54
CA TYR B 111 -23.72 -12.62 -9.79
C TYR B 111 -23.47 -14.10 -10.09
N ASN B 112 -24.54 -14.90 -10.10
CA ASN B 112 -24.47 -16.33 -10.45
C ASN B 112 -23.91 -16.52 -11.87
N ALA B 113 -24.34 -15.66 -12.80
CA ALA B 113 -23.91 -15.76 -14.22
C ALA B 113 -22.46 -15.29 -14.52
N LEU B 114 -21.98 -14.33 -13.71
CA LEU B 114 -20.60 -13.85 -13.87
C LEU B 114 -19.61 -14.95 -13.52
N LEU B 115 -19.88 -15.65 -12.43
CA LEU B 115 -19.06 -16.75 -11.93
C LEU B 115 -18.97 -17.85 -12.98
N SER B 116 -20.12 -18.15 -13.56
CA SER B 116 -20.23 -19.16 -14.61
C SER B 116 -19.38 -18.76 -15.82
N GLN B 117 -19.45 -17.49 -16.22
CA GLN B 117 -18.71 -17.01 -17.39
C GLN B 117 -17.20 -16.87 -17.14
N MET B 118 -16.84 -16.39 -15.96
CA MET B 118 -15.41 -16.29 -15.59
C MET B 118 -14.75 -17.67 -15.56
N SER B 119 -15.48 -18.65 -15.02
CA SER B 119 -15.03 -20.05 -15.00
C SER B 119 -14.80 -20.60 -16.41
N ARG B 120 -15.76 -20.36 -17.32
CA ARG B 120 -15.64 -20.81 -18.71
C ARG B 120 -14.42 -20.20 -19.40
N ILE B 121 -14.26 -18.87 -19.29
CA ILE B 121 -13.12 -18.20 -19.92
C ILE B 121 -11.79 -18.76 -19.42
N TYR B 122 -11.64 -18.93 -18.10
CA TYR B 122 -10.38 -19.44 -17.53
C TYR B 122 -10.06 -20.85 -18.06
N SER B 123 -11.04 -21.74 -17.96
CA SER B 123 -10.80 -23.15 -18.17
C SER B 123 -10.90 -23.59 -19.63
N THR B 124 -11.32 -22.70 -20.52
CA THR B 124 -11.41 -23.02 -21.94
C THR B 124 -10.45 -22.19 -22.79
N ALA B 125 -9.79 -21.19 -22.17
CA ALA B 125 -8.81 -20.36 -22.87
C ALA B 125 -7.68 -21.20 -23.47
N LYS B 126 -7.27 -20.84 -24.69
CA LYS B 126 -6.18 -21.53 -25.36
C LYS B 126 -5.14 -20.57 -25.96
N VAL B 127 -3.96 -21.11 -26.26
CA VAL B 127 -2.92 -20.35 -26.95
C VAL B 127 -2.68 -21.02 -28.30
N CYS B 128 -2.87 -20.24 -29.37
CA CYS B 128 -2.75 -20.74 -30.74
C CYS B 128 -1.49 -20.22 -31.42
N LEU B 129 -0.83 -21.08 -32.19
CA LEU B 129 0.44 -20.75 -32.84
C LEU B 129 0.22 -19.82 -34.04
N THR B 133 -0.05 -21.64 -37.73
CA THR B 133 -1.33 -21.32 -37.10
C THR B 133 -2.28 -22.54 -36.98
N ALA B 134 -1.69 -23.73 -36.94
CA ALA B 134 -2.42 -25.01 -36.94
C ALA B 134 -3.23 -25.34 -35.67
N THR B 135 -2.57 -25.87 -34.64
CA THR B 135 -3.25 -26.38 -33.43
C THR B 135 -3.01 -25.53 -32.16
N CYS B 136 -3.97 -25.58 -31.22
CA CYS B 136 -3.98 -24.70 -30.02
C CYS B 136 -3.70 -25.38 -28.68
N TRP B 137 -2.79 -24.80 -27.92
CA TRP B 137 -2.37 -25.33 -26.63
C TRP B 137 -3.29 -24.92 -25.48
N SER B 138 -3.58 -25.89 -24.60
CA SER B 138 -4.36 -25.63 -23.39
C SER B 138 -3.38 -25.43 -22.22
N LEU B 139 -3.85 -24.79 -21.14
CA LEU B 139 -3.01 -24.64 -19.94
C LEU B 139 -2.49 -25.97 -19.40
N ASP B 140 -3.41 -26.92 -19.22
CA ASP B 140 -3.11 -28.24 -18.69
C ASP B 140 -3.53 -29.26 -19.78
N PRO B 141 -2.60 -29.98 -20.43
CA PRO B 141 -1.20 -30.12 -20.00
C PRO B 141 -0.17 -29.29 -20.75
N ASP B 142 -0.57 -28.68 -21.87
CA ASP B 142 0.40 -28.18 -22.85
C ASP B 142 1.30 -27.06 -22.33
N LEU B 143 0.69 -25.97 -21.87
CA LEU B 143 1.46 -24.83 -21.34
C LEU B 143 2.17 -25.16 -20.03
N THR B 144 1.51 -25.93 -19.17
CA THR B 144 2.13 -26.46 -17.96
C THR B 144 3.43 -27.23 -18.27
N ASN B 145 3.39 -28.15 -19.22
CA ASN B 145 4.58 -28.90 -19.61
C ASN B 145 5.66 -28.00 -20.21
N ILE B 146 5.24 -27.03 -21.03
CA ILE B 146 6.18 -26.04 -21.57
C ILE B 146 6.90 -25.27 -20.47
N LEU B 147 6.14 -24.73 -19.51
CA LEU B 147 6.73 -23.96 -18.42
C LEU B 147 7.64 -24.82 -17.53
N ALA B 148 7.27 -26.09 -17.35
CA ALA B 148 8.03 -27.04 -16.52
C ALA B 148 9.38 -27.44 -17.12
N SER B 149 9.41 -27.69 -18.43
CA SER B 149 10.55 -28.40 -19.05
C SER B 149 11.28 -27.65 -20.17
N SER B 150 10.64 -26.67 -20.81
CA SER B 150 11.34 -25.90 -21.87
C SER B 150 12.44 -25.03 -21.25
N ARG B 151 13.59 -25.01 -21.93
CA ARG B 151 14.72 -24.17 -21.52
C ARG B 151 15.03 -23.15 -22.60
N SER B 152 14.07 -22.97 -23.50
CA SER B 152 14.14 -22.00 -24.58
C SER B 152 13.45 -20.72 -24.09
N TYR B 153 14.22 -19.64 -23.97
CA TYR B 153 13.70 -18.37 -23.49
C TYR B 153 12.48 -17.90 -24.28
N ALA B 154 12.56 -17.96 -25.62
CA ALA B 154 11.49 -17.50 -26.50
C ALA B 154 10.23 -18.36 -26.40
N MET B 155 10.42 -19.66 -26.23
CA MET B 155 9.30 -20.58 -26.10
C MET B 155 8.57 -20.38 -24.76
N LEU B 156 9.35 -20.27 -23.68
CA LEU B 156 8.82 -19.96 -22.34
C LEU B 156 8.04 -18.64 -22.38
N LEU B 157 8.62 -17.66 -23.08
CA LEU B 157 7.98 -16.35 -23.24
C LEU B 157 6.66 -16.43 -23.99
N PHE B 158 6.64 -17.15 -25.11
CA PHE B 158 5.45 -17.32 -25.91
C PHE B 158 4.31 -17.96 -25.12
N ALA B 159 4.64 -18.98 -24.34
CA ALA B 159 3.66 -19.65 -23.48
C ALA B 159 3.12 -18.74 -22.36
N TRP B 160 4.02 -18.06 -21.66
CA TRP B 160 3.67 -17.08 -20.59
C TRP B 160 2.81 -15.94 -21.12
N GLU B 161 3.27 -15.29 -22.19
CA GLU B 161 2.53 -14.17 -22.76
C GLU B 161 1.20 -14.61 -23.34
N GLY B 162 1.21 -15.72 -24.06
CA GLY B 162 0.01 -16.27 -24.65
C GLY B 162 -1.05 -16.54 -23.61
N TRP B 163 -0.65 -17.25 -22.55
CA TRP B 163 -1.59 -17.60 -21.50
C TRP B 163 -2.19 -16.35 -20.79
N HIS B 164 -1.31 -15.42 -20.41
CA HIS B 164 -1.76 -14.22 -19.67
C HIS B 164 -2.68 -13.35 -20.50
N ASN B 165 -2.33 -13.16 -21.76
CA ASN B 165 -3.20 -12.47 -22.73
C ASN B 165 -4.56 -13.17 -22.96
N ALA B 166 -4.53 -14.47 -23.22
CA ALA B 166 -5.72 -15.25 -23.53
C ALA B 166 -6.70 -15.34 -22.36
N ALA B 167 -6.17 -15.58 -21.16
CA ALA B 167 -7.03 -15.71 -19.99
C ALA B 167 -7.44 -14.36 -19.41
N GLY B 168 -6.47 -13.47 -19.20
CA GLY B 168 -6.66 -12.24 -18.45
C GLY B 168 -7.51 -11.17 -19.10
N ILE B 169 -7.15 -10.80 -20.32
CA ILE B 169 -7.84 -9.71 -21.07
C ILE B 169 -9.39 -9.83 -21.06
N PRO B 170 -9.97 -10.98 -21.53
CA PRO B 170 -11.44 -11.12 -21.50
C PRO B 170 -12.06 -11.11 -20.11
N LEU B 171 -11.28 -11.50 -19.11
CA LEU B 171 -11.82 -11.61 -17.76
C LEU B 171 -12.08 -10.27 -17.09
N LYS B 172 -11.29 -9.24 -17.46
CA LYS B 172 -11.30 -7.98 -16.72
C LYS B 172 -12.68 -7.33 -16.58
N PRO B 173 -13.43 -7.15 -17.71
CA PRO B 173 -14.74 -6.51 -17.56
C PRO B 173 -15.66 -7.25 -16.60
N LEU B 174 -15.61 -8.58 -16.65
CA LEU B 174 -16.44 -9.43 -15.79
C LEU B 174 -16.03 -9.34 -14.34
N TYR B 175 -14.72 -9.33 -14.09
CA TYR B 175 -14.21 -9.28 -12.72
C TYR B 175 -14.62 -8.00 -11.98
N GLU B 176 -14.63 -6.88 -12.70
CA GLU B 176 -15.12 -5.61 -12.17
C GLU B 176 -16.57 -5.72 -11.65
N ASP B 177 -17.44 -6.30 -12.47
CA ASP B 177 -18.86 -6.49 -12.16
C ASP B 177 -19.05 -7.40 -10.98
N PHE B 178 -18.24 -8.47 -10.93
CA PHE B 178 -18.30 -9.42 -9.82
C PHE B 178 -17.96 -8.73 -8.51
N THR B 179 -16.88 -7.93 -8.53
CA THR B 179 -16.38 -7.27 -7.32
C THR B 179 -17.47 -6.38 -6.69
N ALA B 180 -18.07 -5.54 -7.53
CA ALA B 180 -19.13 -4.63 -7.12
C ALA B 180 -20.31 -5.38 -6.47
N LEU B 181 -20.76 -6.46 -7.10
CA LEU B 181 -21.88 -7.27 -6.59
C LEU B 181 -21.56 -8.02 -5.31
N SER B 182 -20.36 -8.58 -5.24
CA SER B 182 -19.90 -9.26 -4.05
C SER B 182 -19.86 -8.34 -2.83
N ASN B 183 -19.33 -7.12 -3.04
CA ASN B 183 -19.27 -6.10 -1.98
C ASN B 183 -20.66 -5.68 -1.50
N GLU B 184 -21.56 -5.45 -2.46
CA GLU B 184 -22.95 -5.07 -2.19
C GLU B 184 -23.64 -6.12 -1.30
N ALA B 185 -23.45 -7.40 -1.65
CA ALA B 185 -23.96 -8.53 -0.89
C ALA B 185 -23.48 -8.51 0.56
N TYR B 186 -22.17 -8.46 0.76
CA TYR B 186 -21.61 -8.65 2.08
C TYR B 186 -21.71 -7.43 3.00
N LYS B 187 -21.87 -6.26 2.39
CA LYS B 187 -22.12 -5.01 3.13
C LYS B 187 -23.38 -5.12 3.99
N GLN B 188 -24.38 -5.83 3.47
CA GLN B 188 -25.64 -6.04 4.18
C GLN B 188 -25.54 -7.04 5.36
N ASP B 189 -24.44 -7.78 5.44
CA ASP B 189 -24.12 -8.58 6.64
C ASP B 189 -23.31 -7.78 7.67
N GLY B 190 -23.00 -6.52 7.36
CA GLY B 190 -22.27 -5.63 8.28
C GLY B 190 -20.76 -5.53 8.04
N PHE B 191 -20.28 -6.14 6.97
CA PHE B 191 -18.85 -6.08 6.60
C PHE B 191 -18.59 -4.87 5.70
N THR B 192 -17.47 -4.17 5.93
CA THR B 192 -17.04 -3.06 5.05
C THR B 192 -16.93 -3.51 3.60
N ASP B 193 -16.38 -4.71 3.38
CA ASP B 193 -16.29 -5.31 2.05
C ASP B 193 -16.13 -6.84 2.13
N THR B 194 -16.18 -7.50 0.98
CA THR B 194 -15.98 -8.96 0.91
C THR B 194 -14.68 -9.46 1.55
N GLY B 195 -13.57 -8.76 1.30
CA GLY B 195 -12.28 -9.09 1.90
C GLY B 195 -12.39 -9.21 3.40
N ALA B 196 -13.09 -8.25 4.03
CA ALA B 196 -13.31 -8.26 5.49
C ALA B 196 -14.06 -9.50 5.93
N TYR B 197 -15.04 -9.92 5.14
CA TYR B 197 -15.75 -11.18 5.39
C TYR B 197 -14.80 -12.40 5.30
N TRP B 198 -14.00 -12.46 4.24
CA TRP B 198 -13.03 -13.56 4.08
C TRP B 198 -12.07 -13.65 5.27
N ARG B 199 -11.58 -12.50 5.71
CA ARG B 199 -10.65 -12.43 6.85
C ARG B 199 -11.31 -12.84 8.17
N SER B 200 -12.63 -12.62 8.28
CA SER B 200 -13.35 -12.94 9.53
C SER B 200 -13.32 -14.42 9.89
N TRP B 201 -13.18 -15.29 8.88
CA TRP B 201 -13.06 -16.75 9.09
C TRP B 201 -11.95 -17.15 10.06
N TYR B 202 -10.95 -16.29 10.23
CA TYR B 202 -9.82 -16.59 11.08
C TYR B 202 -9.96 -16.16 12.55
N ASN B 203 -11.02 -15.42 12.86
CA ASN B 203 -11.36 -14.97 14.23
C ASN B 203 -10.18 -14.41 15.02
N SER B 204 -9.42 -13.55 14.35
CA SER B 204 -8.28 -12.90 14.95
C SER B 204 -8.39 -11.42 14.65
N PRO B 205 -8.55 -10.58 15.70
CA PRO B 205 -8.59 -9.12 15.51
C PRO B 205 -7.28 -8.59 14.95
N THR B 206 -6.22 -9.38 15.12
CA THR B 206 -4.86 -9.01 14.76
C THR B 206 -4.30 -9.80 13.51
N PHE B 207 -5.20 -10.41 12.72
CA PHE B 207 -4.86 -11.29 11.58
C PHE B 207 -3.78 -10.74 10.63
N GLU B 208 -4.04 -9.58 10.02
CA GLU B 208 -3.10 -8.94 9.08
C GLU B 208 -1.72 -8.66 9.66
N ASP B 209 -1.68 -8.17 10.91
CA ASP B 209 -0.43 -7.98 11.66
C ASP B 209 0.30 -9.30 11.92
N ASP B 210 -0.44 -10.33 12.34
CA ASP B 210 0.10 -11.68 12.56
C ASP B 210 0.73 -12.25 11.29
N LEU B 211 0.03 -12.13 10.16
CA LEU B 211 0.57 -12.53 8.86
C LEU B 211 1.84 -11.75 8.52
N GLU B 212 1.79 -10.42 8.68
CA GLU B 212 2.95 -9.58 8.40
C GLU B 212 4.17 -9.99 9.24
N HIS B 213 3.95 -10.28 10.53
CA HIS B 213 5.02 -10.73 11.44
C HIS B 213 5.60 -12.08 11.04
N LEU B 214 4.72 -13.00 10.61
CA LEU B 214 5.16 -14.28 10.04
C LEU B 214 6.03 -14.04 8.83
N TYR B 215 5.54 -13.25 7.86
CA TYR B 215 6.33 -13.00 6.64
C TYR B 215 7.72 -12.38 6.90
N GLN B 216 7.80 -11.47 7.87
CA GLN B 216 9.09 -10.88 8.30
C GLN B 216 10.17 -11.93 8.66
N GLN B 217 9.76 -12.98 9.38
CA GLN B 217 10.68 -14.05 9.76
C GLN B 217 11.07 -14.94 8.57
N LEU B 218 10.13 -15.11 7.65
CA LEU B 218 10.32 -15.99 6.48
C LEU B 218 11.08 -15.31 5.34
N GLU B 219 11.01 -13.98 5.25
CA GLU B 219 11.58 -13.26 4.10
C GLU B 219 13.08 -13.49 3.81
N PRO B 220 13.96 -13.48 4.85
CA PRO B 220 15.37 -13.75 4.57
C PRO B 220 15.60 -15.08 3.85
N LEU B 221 14.82 -16.09 4.23
CA LEU B 221 14.87 -17.40 3.56
C LEU B 221 14.54 -17.29 2.10
N TYR B 222 13.45 -16.61 1.78
CA TYR B 222 13.09 -16.37 0.39
C TYR B 222 14.17 -15.56 -0.35
N LEU B 223 14.67 -14.49 0.28
CA LEU B 223 15.64 -13.61 -0.39
C LEU B 223 16.89 -14.37 -0.81
N ASN B 224 17.37 -15.26 0.07
CA ASN B 224 18.51 -16.12 -0.24
C ASN B 224 18.24 -17.17 -1.30
N LEU B 225 17.08 -17.84 -1.21
CA LEU B 225 16.71 -18.80 -2.24
C LEU B 225 16.68 -18.12 -3.60
N HIS B 226 16.01 -16.96 -3.63
CA HIS B 226 15.84 -16.11 -4.82
C HIS B 226 17.17 -15.74 -5.48
N ALA B 227 18.13 -15.30 -4.67
CA ALA B 227 19.45 -14.84 -5.15
C ALA B 227 20.25 -16.03 -5.68
N PHE B 228 20.16 -17.15 -4.97
CA PHE B 228 20.81 -18.42 -5.40
C PHE B 228 20.26 -18.87 -6.75
N VAL B 229 18.93 -18.85 -6.86
CA VAL B 229 18.27 -19.27 -8.09
C VAL B 229 18.55 -18.30 -9.21
N ARG B 230 18.51 -16.99 -8.92
CA ARG B 230 18.85 -15.98 -9.93
C ARG B 230 20.26 -16.19 -10.53
N ARG B 231 21.21 -16.60 -9.71
CA ARG B 231 22.58 -16.86 -10.17
C ARG B 231 22.60 -17.99 -11.20
N ALA B 232 21.87 -19.08 -10.91
CA ALA B 232 21.79 -20.23 -11.81
C ALA B 232 21.12 -19.86 -13.13
N LEU B 233 20.06 -19.05 -13.05
CA LEU B 233 19.40 -18.54 -14.24
C LEU B 233 20.29 -17.63 -15.08
N HIS B 234 21.12 -16.83 -14.40
CA HIS B 234 22.13 -16.02 -15.08
C HIS B 234 23.12 -16.88 -15.88
N ARG B 235 23.66 -17.93 -15.26
CA ARG B 235 24.51 -18.92 -15.95
C ARG B 235 23.84 -19.46 -17.21
N ARG B 236 22.57 -19.81 -17.08
CA ARG B 236 21.81 -20.45 -18.16
C ARG B 236 21.42 -19.52 -19.31
N TYR B 237 20.97 -18.31 -19.00
CA TYR B 237 20.32 -17.44 -20.01
C TYR B 237 21.16 -16.24 -20.49
N GLY B 238 22.14 -15.85 -19.67
CA GLY B 238 23.03 -14.76 -20.03
C GLY B 238 22.72 -13.47 -19.32
N ASP B 239 23.62 -12.50 -19.49
CA ASP B 239 23.48 -11.17 -18.90
C ASP B 239 22.38 -10.34 -19.58
N ARG B 240 22.05 -10.71 -20.82
CA ARG B 240 20.98 -10.06 -21.57
C ARG B 240 19.60 -10.23 -20.90
N TYR B 241 19.34 -11.42 -20.33
CA TYR B 241 18.00 -11.78 -19.85
C TYR B 241 17.86 -11.88 -18.33
N ILE B 242 18.99 -11.88 -17.62
CA ILE B 242 19.00 -11.94 -16.17
C ILE B 242 19.86 -10.80 -15.62
N ASN B 243 19.26 -10.00 -14.74
CA ASN B 243 19.94 -8.92 -14.04
C ASN B 243 20.20 -9.38 -12.62
N LEU B 244 21.48 -9.59 -12.30
CA LEU B 244 21.89 -10.10 -10.98
C LEU B 244 21.51 -9.19 -9.82
N ARG B 245 21.01 -8.00 -10.14
CA ARG B 245 20.56 -7.06 -9.12
C ARG B 245 19.12 -6.61 -9.35
N GLY B 246 18.41 -7.30 -10.26
CA GLY B 246 17.02 -6.97 -10.59
C GLY B 246 16.04 -8.13 -10.41
N PRO B 247 14.74 -7.91 -10.70
CA PRO B 247 13.77 -9.01 -10.57
C PRO B 247 14.01 -10.09 -11.61
N ILE B 248 13.64 -11.32 -11.29
CA ILE B 248 13.76 -12.46 -12.22
C ILE B 248 12.58 -12.41 -13.19
N PRO B 249 12.82 -12.50 -14.53
CA PRO B 249 11.70 -12.57 -15.48
C PRO B 249 10.73 -13.70 -15.12
N ALA B 250 9.42 -13.39 -15.11
CA ALA B 250 8.39 -14.22 -14.43
C ALA B 250 8.10 -15.59 -15.05
N HIS B 251 8.68 -15.84 -16.23
CA HIS B 251 8.44 -17.08 -17.01
C HIS B 251 9.51 -18.17 -16.86
N LEU B 252 10.52 -17.93 -16.02
CA LEU B 252 11.74 -18.75 -16.01
C LEU B 252 11.87 -19.69 -14.82
N LEU B 253 10.81 -19.81 -14.02
CA LEU B 253 10.90 -20.49 -12.74
C LEU B 253 10.17 -21.84 -12.66
N GLY B 254 9.73 -22.34 -13.82
CA GLY B 254 9.23 -23.70 -13.96
C GLY B 254 7.72 -23.83 -13.93
N ASP B 255 7.05 -22.70 -13.70
CA ASP B 255 5.63 -22.65 -13.34
C ASP B 255 5.03 -21.39 -13.94
N MET B 256 3.84 -21.50 -14.52
CA MET B 256 3.12 -20.36 -15.12
C MET B 256 3.05 -19.10 -14.21
N TRP B 257 2.95 -19.31 -12.90
CA TRP B 257 2.80 -18.20 -11.93
C TRP B 257 4.06 -17.95 -11.14
N ALA B 258 5.16 -18.65 -11.47
CA ALA B 258 6.41 -18.60 -10.68
C ALA B 258 6.13 -18.90 -9.19
N GLN B 259 5.11 -19.72 -8.92
CA GLN B 259 4.66 -19.91 -7.52
C GLN B 259 5.38 -21.05 -6.81
N SER B 260 5.90 -21.97 -7.61
CA SER B 260 6.56 -23.15 -7.14
C SER B 260 7.74 -23.32 -8.07
N TRP B 261 8.94 -23.56 -7.54
CA TRP B 261 10.13 -23.59 -8.40
C TRP B 261 10.74 -24.99 -8.56
N GLU B 262 10.04 -26.03 -8.10
CA GLU B 262 10.62 -27.38 -8.15
C GLU B 262 11.04 -27.82 -9.57
N ASN B 263 10.36 -27.35 -10.62
CA ASN B 263 10.67 -27.76 -11.99
C ASN B 263 12.03 -27.33 -12.55
N ILE B 264 12.69 -26.37 -11.90
CA ILE B 264 14.03 -25.96 -12.32
C ILE B 264 15.09 -26.48 -11.35
N TYR B 265 14.71 -27.48 -10.54
CA TYR B 265 15.64 -28.15 -9.62
C TYR B 265 16.92 -28.65 -10.30
N ASP B 266 16.78 -29.29 -11.46
CA ASP B 266 17.92 -29.84 -12.19
C ASP B 266 18.93 -28.75 -12.56
N MET B 267 18.44 -27.52 -12.77
CA MET B 267 19.28 -26.39 -13.09
C MET B 267 20.04 -25.84 -11.90
N VAL B 268 19.47 -26.02 -10.71
CA VAL B 268 20.03 -25.40 -9.50
C VAL B 268 20.57 -26.42 -8.49
N VAL B 269 20.37 -27.71 -8.75
CA VAL B 269 20.91 -28.77 -7.88
C VAL B 269 22.43 -28.63 -7.88
N PRO B 270 23.04 -28.43 -6.70
CA PRO B 270 24.52 -28.31 -6.63
C PRO B 270 25.27 -29.55 -7.17
N PHE B 271 24.74 -30.74 -6.90
CA PHE B 271 25.45 -31.98 -7.13
C PHE B 271 24.66 -32.95 -8.04
N PRO B 272 24.66 -32.70 -9.38
CA PRO B 272 23.84 -33.53 -10.30
C PRO B 272 24.34 -34.97 -10.50
N ASP B 273 25.55 -35.24 -10.00
CA ASP B 273 26.16 -36.57 -9.93
C ASP B 273 25.42 -37.48 -8.93
N LYS B 274 24.91 -36.89 -7.85
CA LYS B 274 24.18 -37.57 -6.77
C LYS B 274 22.81 -38.02 -7.29
N PRO B 275 22.16 -39.02 -6.61
CA PRO B 275 20.86 -39.53 -7.10
C PRO B 275 19.81 -38.44 -7.30
N ASN B 276 19.12 -38.49 -8.44
CA ASN B 276 18.10 -37.52 -8.79
C ASN B 276 16.87 -37.64 -7.88
N LEU B 277 16.67 -36.62 -7.05
CA LEU B 277 15.59 -36.61 -6.06
C LEU B 277 14.23 -36.31 -6.66
N ASP B 278 14.21 -35.82 -7.89
CA ASP B 278 12.98 -35.75 -8.66
C ASP B 278 12.78 -37.14 -9.28
N VAL B 279 11.77 -37.83 -8.78
CA VAL B 279 11.50 -39.22 -9.14
C VAL B 279 10.61 -39.36 -10.37
N THR B 280 10.32 -38.23 -11.03
CA THR B 280 9.45 -38.23 -12.21
C THR B 280 9.89 -39.24 -13.25
N SER B 281 11.16 -39.18 -13.67
CA SER B 281 11.65 -40.11 -14.72
C SER B 281 11.43 -41.58 -14.35
N THR B 282 11.69 -41.94 -13.08
CA THR B 282 11.42 -43.28 -12.53
C THR B 282 9.93 -43.67 -12.53
N MET B 283 9.05 -42.72 -12.16
CA MET B 283 7.60 -42.97 -12.22
C MET B 283 7.16 -43.33 -13.64
N LEU B 284 7.69 -42.59 -14.62
CA LEU B 284 7.43 -42.85 -16.04
C LEU B 284 8.06 -44.18 -16.48
N GLN B 285 9.33 -44.37 -16.12
CA GLN B 285 10.07 -45.61 -16.42
C GLN B 285 9.29 -46.83 -15.93
N GLN B 286 8.77 -46.74 -14.70
CA GLN B 286 8.02 -47.84 -14.08
C GLN B 286 6.56 -47.94 -14.51
N GLY B 287 6.10 -46.97 -15.32
CA GLY B 287 4.74 -46.99 -15.84
C GLY B 287 3.64 -46.63 -14.86
N TRP B 288 3.93 -45.75 -13.90
CA TRP B 288 2.89 -45.25 -12.98
C TRP B 288 1.76 -44.57 -13.77
N GLN B 289 0.53 -44.74 -13.30
CA GLN B 289 -0.62 -44.05 -13.84
C GLN B 289 -1.36 -43.33 -12.74
N ALA B 290 -2.33 -42.50 -13.11
CA ALA B 290 -3.19 -41.79 -12.15
C ALA B 290 -3.74 -42.73 -11.06
N THR B 291 -4.25 -43.90 -11.48
CA THR B 291 -4.80 -44.90 -10.56
C THR B 291 -3.78 -45.30 -9.49
N HIS B 292 -2.55 -45.58 -9.89
CA HIS B 292 -1.47 -45.94 -8.97
C HIS B 292 -1.22 -44.83 -7.96
N MET B 293 -1.13 -43.60 -8.47
CA MET B 293 -0.84 -42.43 -7.64
C MET B 293 -1.88 -42.26 -6.52
N PHE B 294 -3.15 -42.38 -6.89
CA PHE B 294 -4.25 -42.26 -5.93
C PHE B 294 -4.27 -43.40 -4.90
N ARG B 295 -3.99 -44.62 -5.35
CA ARG B 295 -3.94 -45.78 -4.45
C ARG B 295 -2.78 -45.70 -3.46
N VAL B 296 -1.66 -45.19 -3.94
CA VAL B 296 -0.46 -45.02 -3.12
C VAL B 296 -0.71 -43.97 -2.05
N ALA B 297 -1.33 -42.85 -2.45
CA ALA B 297 -1.74 -41.80 -1.51
C ALA B 297 -2.70 -42.34 -0.48
N GLU B 298 -3.72 -43.06 -0.95
CA GLU B 298 -4.69 -43.73 -0.07
C GLU B 298 -4.03 -44.61 1.00
N GLU B 299 -3.08 -45.42 0.57
CA GLU B 299 -2.44 -46.36 1.48
C GLU B 299 -1.64 -45.64 2.58
N PHE B 300 -1.11 -44.44 2.28
CA PHE B 300 -0.48 -43.64 3.35
C PHE B 300 -1.51 -43.32 4.45
N PHE B 301 -2.68 -42.86 4.03
CA PHE B 301 -3.78 -42.53 4.95
C PHE B 301 -4.20 -43.74 5.79
N THR B 302 -4.41 -44.88 5.12
CA THR B 302 -4.81 -46.11 5.80
C THR B 302 -3.69 -46.62 6.73
N SER B 303 -2.43 -46.38 6.37
CA SER B 303 -1.27 -46.73 7.23
C SER B 303 -1.35 -45.98 8.56
N LEU B 304 -2.03 -44.83 8.56
CA LEU B 304 -2.20 -44.01 9.76
C LEU B 304 -3.48 -44.39 10.54
N GLU B 305 -4.17 -45.43 10.08
CA GLU B 305 -5.51 -45.81 10.54
C GLU B 305 -6.56 -44.71 10.31
N LEU B 306 -6.32 -43.88 9.30
CA LEU B 306 -7.35 -42.98 8.80
C LEU B 306 -8.15 -43.74 7.74
N SER B 307 -9.23 -43.14 7.25
CA SER B 307 -10.16 -43.83 6.36
C SER B 307 -9.65 -44.05 4.94
N PRO B 308 -10.00 -45.21 4.33
CA PRO B 308 -9.80 -45.40 2.89
C PRO B 308 -10.79 -44.56 2.09
N MET B 309 -10.55 -44.42 0.79
CA MET B 309 -11.52 -43.76 -0.09
C MET B 309 -12.69 -44.70 -0.31
N PRO B 310 -13.95 -44.21 -0.13
CA PRO B 310 -15.13 -45.10 -0.29
C PRO B 310 -15.37 -45.46 -1.76
N PRO B 311 -16.18 -46.52 -2.03
CA PRO B 311 -16.52 -46.90 -3.40
C PRO B 311 -17.04 -45.73 -4.25
N GLU B 312 -17.86 -44.87 -3.65
CA GLU B 312 -18.44 -43.71 -4.33
C GLU B 312 -17.35 -42.75 -4.82
N PHE B 313 -16.23 -42.69 -4.09
CA PHE B 313 -15.05 -41.92 -4.52
C PHE B 313 -14.47 -42.47 -5.82
N TRP B 314 -14.18 -43.77 -5.85
CA TRP B 314 -13.59 -44.38 -7.05
C TRP B 314 -14.53 -44.40 -8.23
N GLU B 315 -15.81 -44.65 -7.97
CA GLU B 315 -16.80 -44.68 -9.05
C GLU B 315 -17.06 -43.29 -9.64
N GLY B 316 -16.97 -42.26 -8.80
CA GLY B 316 -17.47 -40.92 -9.16
C GLY B 316 -16.42 -39.90 -9.58
N SER B 317 -15.18 -40.10 -9.14
CA SER B 317 -14.11 -39.13 -9.36
C SER B 317 -13.67 -39.04 -10.82
N MET B 318 -13.14 -37.87 -11.21
CA MET B 318 -12.51 -37.71 -12.50
C MET B 318 -11.00 -37.59 -12.24
N LEU B 319 -10.27 -38.66 -12.53
CA LEU B 319 -8.85 -38.77 -12.17
C LEU B 319 -7.89 -38.52 -13.33
N GLU B 320 -8.44 -38.37 -14.54
CA GLU B 320 -7.65 -38.05 -15.71
C GLU B 320 -8.41 -37.02 -16.53
N LYS B 321 -7.71 -36.25 -17.37
CA LYS B 321 -8.39 -35.38 -18.33
C LYS B 321 -9.17 -36.24 -19.35
N PRO B 322 -10.48 -35.98 -19.53
CA PRO B 322 -11.30 -36.77 -20.47
C PRO B 322 -10.75 -36.79 -21.90
N ALA B 323 -10.67 -37.99 -22.48
CA ALA B 323 -10.11 -38.22 -23.81
C ALA B 323 -11.06 -37.90 -24.98
N ASP B 324 -12.36 -37.78 -24.70
CA ASP B 324 -13.30 -37.19 -25.67
C ASP B 324 -13.08 -35.68 -25.78
N GLY B 325 -13.56 -35.07 -26.85
CA GLY B 325 -13.40 -33.62 -27.05
C GLY B 325 -14.28 -32.79 -26.11
N ARG B 326 -13.98 -32.85 -24.82
CA ARG B 326 -14.85 -32.30 -23.78
C ARG B 326 -14.09 -31.34 -22.87
N GLU B 327 -14.66 -30.15 -22.69
CA GLU B 327 -14.05 -29.11 -21.86
C GLU B 327 -14.30 -29.41 -20.38
N VAL B 328 -13.22 -29.33 -19.60
CA VAL B 328 -13.29 -29.52 -18.15
C VAL B 328 -12.50 -28.42 -17.45
N VAL B 329 -12.80 -28.21 -16.16
CA VAL B 329 -11.96 -27.43 -15.29
C VAL B 329 -10.85 -28.37 -14.85
N CYS B 330 -9.66 -28.18 -15.41
CA CYS B 330 -8.55 -29.06 -15.09
C CYS B 330 -7.93 -28.81 -13.73
N HIS B 331 -8.06 -27.58 -13.20
CA HIS B 331 -7.48 -27.27 -11.89
C HIS B 331 -7.98 -28.26 -10.85
N ALA B 332 -7.05 -28.90 -10.13
CA ALA B 332 -7.38 -30.00 -9.21
C ALA B 332 -8.23 -29.54 -8.04
N SER B 333 -9.27 -30.30 -7.71
CA SER B 333 -10.14 -29.97 -6.58
C SER B 333 -10.79 -31.18 -5.93
N ALA B 334 -11.17 -31.02 -4.66
CA ALA B 334 -11.77 -32.08 -3.85
C ALA B 334 -13.15 -31.62 -3.40
N TRP B 335 -14.11 -32.53 -3.54
CA TRP B 335 -15.53 -32.20 -3.48
C TRP B 335 -16.26 -32.97 -2.40
N ASP B 336 -17.00 -32.22 -1.55
CA ASP B 336 -17.91 -32.75 -0.52
C ASP B 336 -19.36 -32.47 -0.97
N PHE B 337 -20.15 -33.52 -1.12
CA PHE B 337 -21.52 -33.36 -1.61
C PHE B 337 -22.51 -33.14 -0.47
N TYR B 338 -22.00 -33.09 0.76
CA TYR B 338 -22.78 -32.87 2.00
C TYR B 338 -23.91 -33.91 2.29
N ASN B 339 -23.80 -35.10 1.70
CA ASN B 339 -24.72 -36.22 1.94
C ASN B 339 -24.10 -37.39 2.74
N ARG B 340 -22.88 -37.18 3.26
CA ARG B 340 -22.15 -38.18 4.07
C ARG B 340 -21.75 -39.46 3.29
N LYS B 341 -21.97 -39.46 1.98
CA LYS B 341 -21.71 -40.63 1.13
C LYS B 341 -20.82 -40.33 -0.09
N ASP B 342 -21.14 -39.25 -0.81
CA ASP B 342 -20.42 -38.87 -2.03
C ASP B 342 -19.28 -37.87 -1.80
N PHE B 343 -18.08 -38.28 -2.16
CA PHE B 343 -16.86 -37.47 -2.04
C PHE B 343 -16.00 -37.76 -3.25
N ARG B 344 -15.49 -36.70 -3.89
CA ARG B 344 -14.82 -36.86 -5.17
C ARG B 344 -13.64 -35.91 -5.39
N ILE B 345 -12.67 -36.37 -6.19
CA ILE B 345 -11.60 -35.52 -6.69
C ILE B 345 -11.78 -35.37 -8.20
N LYS B 346 -11.51 -34.17 -8.69
CA LYS B 346 -11.54 -33.85 -10.10
C LYS B 346 -10.17 -33.29 -10.41
N GLN B 347 -9.34 -34.07 -11.11
CA GLN B 347 -7.94 -33.71 -11.38
C GLN B 347 -7.48 -34.25 -12.73
N CYS B 348 -6.87 -33.39 -13.55
CA CYS B 348 -6.32 -33.81 -14.83
C CYS B 348 -4.92 -34.36 -14.59
N THR B 349 -4.85 -35.50 -13.90
CA THR B 349 -3.59 -36.01 -13.33
C THR B 349 -2.55 -36.30 -14.39
N ARG B 350 -1.36 -35.77 -14.20
CA ARG B 350 -0.20 -36.14 -14.98
C ARG B 350 0.76 -36.93 -14.09
N VAL B 351 1.56 -37.79 -14.71
CA VAL B 351 2.51 -38.65 -13.99
C VAL B 351 3.82 -37.90 -13.75
N THR B 352 3.85 -37.14 -12.66
CA THR B 352 5.05 -36.42 -12.19
C THR B 352 5.09 -36.48 -10.66
N MET B 353 6.25 -36.17 -10.09
CA MET B 353 6.41 -36.13 -8.64
C MET B 353 5.55 -35.02 -8.02
N ASP B 354 5.52 -33.84 -8.63
CA ASP B 354 4.68 -32.71 -8.12
C ASP B 354 3.18 -33.07 -8.13
N GLN B 355 2.74 -33.80 -9.16
CA GLN B 355 1.37 -34.27 -9.25
C GLN B 355 1.04 -35.31 -8.16
N LEU B 356 2.02 -36.16 -7.82
CA LEU B 356 1.85 -37.08 -6.70
C LEU B 356 1.60 -36.31 -5.39
N SER B 357 2.37 -35.24 -5.18
CA SER B 357 2.11 -34.33 -4.03
C SER B 357 0.73 -33.71 -4.10
N THR B 358 0.32 -33.26 -5.30
CA THR B 358 -1.00 -32.68 -5.55
C THR B 358 -2.12 -33.70 -5.25
N VAL B 359 -1.89 -34.95 -5.66
CA VAL B 359 -2.79 -36.06 -5.32
C VAL B 359 -2.97 -36.16 -3.80
N HIS B 360 -1.86 -36.09 -3.05
CA HIS B 360 -1.92 -36.10 -1.60
C HIS B 360 -2.69 -34.88 -1.06
N HIS B 361 -2.40 -33.70 -1.62
CA HIS B 361 -3.11 -32.46 -1.24
C HIS B 361 -4.62 -32.65 -1.34
N GLU B 362 -5.09 -33.08 -2.51
CA GLU B 362 -6.51 -33.27 -2.76
C GLU B 362 -7.15 -34.34 -1.87
N MET B 363 -6.42 -35.43 -1.64
CA MET B 363 -6.92 -36.53 -0.79
C MET B 363 -6.97 -36.11 0.70
N GLY B 364 -6.09 -35.19 1.08
CA GLY B 364 -6.15 -34.56 2.40
C GLY B 364 -7.50 -33.88 2.65
N HIS B 365 -8.02 -33.16 1.65
CA HIS B 365 -9.36 -32.54 1.70
C HIS B 365 -10.43 -33.61 1.88
N ILE B 366 -10.33 -34.69 1.10
CA ILE B 366 -11.27 -35.82 1.19
C ILE B 366 -11.27 -36.44 2.60
N GLN B 367 -10.08 -36.75 3.12
CA GLN B 367 -9.95 -37.29 4.48
C GLN B 367 -10.65 -36.41 5.52
N TYR B 368 -10.46 -35.09 5.41
CA TYR B 368 -11.17 -34.11 6.25
C TYR B 368 -12.69 -34.32 6.19
N TYR B 369 -13.22 -34.40 4.97
CA TYR B 369 -14.64 -34.59 4.73
C TYR B 369 -15.17 -35.88 5.40
N LEU B 370 -14.46 -36.97 5.16
CA LEU B 370 -14.83 -38.29 5.68
C LEU B 370 -14.85 -38.30 7.21
N GLN B 371 -13.90 -37.61 7.84
CA GLN B 371 -13.77 -37.60 9.29
C GLN B 371 -14.80 -36.72 9.99
N TYR B 372 -15.26 -35.65 9.34
CA TYR B 372 -16.25 -34.74 9.95
C TYR B 372 -17.67 -34.83 9.36
N LYS B 373 -17.94 -35.86 8.58
CA LYS B 373 -19.20 -36.00 7.86
C LYS B 373 -20.45 -36.12 8.75
N ASP B 374 -20.25 -36.56 9.98
CA ASP B 374 -21.37 -36.77 10.92
C ASP B 374 -21.62 -35.54 11.78
N LEU B 375 -20.73 -34.54 11.68
CA LEU B 375 -21.00 -33.20 12.22
C LEU B 375 -22.18 -32.54 11.50
N PRO B 376 -22.89 -31.60 12.18
CA PRO B 376 -23.91 -30.82 11.48
C PRO B 376 -23.25 -29.91 10.44
N VAL B 377 -23.93 -29.74 9.31
CA VAL B 377 -23.41 -29.03 8.12
C VAL B 377 -22.46 -27.82 8.33
N SER B 378 -22.87 -26.86 9.17
CA SER B 378 -22.10 -25.63 9.42
C SER B 378 -20.73 -25.89 10.05
N LEU B 379 -20.58 -27.06 10.66
CA LEU B 379 -19.32 -27.43 11.30
C LEU B 379 -18.42 -28.28 10.38
N ARG B 380 -18.89 -28.55 9.15
CA ARG B 380 -18.15 -29.33 8.16
C ARG B 380 -17.24 -28.45 7.30
N ARG B 381 -16.22 -27.91 7.96
CA ARG B 381 -15.23 -27.03 7.38
C ARG B 381 -14.01 -27.31 8.21
N GLY B 382 -12.83 -26.84 7.78
CA GLY B 382 -11.63 -26.94 8.62
C GLY B 382 -11.71 -26.03 9.83
N ALA B 383 -10.85 -26.25 10.82
CA ALA B 383 -10.71 -25.34 11.98
C ALA B 383 -10.58 -23.88 11.51
N ASN B 384 -9.80 -23.68 10.45
CA ASN B 384 -9.93 -22.55 9.52
C ASN B 384 -9.58 -23.05 8.08
N PRO B 385 -9.79 -22.23 7.02
CA PRO B 385 -9.51 -22.83 5.68
C PRO B 385 -8.05 -23.26 5.44
N GLY B 386 -7.10 -22.64 6.14
CA GLY B 386 -5.67 -23.02 6.14
C GLY B 386 -5.43 -24.44 6.65
N PHE B 387 -6.21 -24.85 7.66
CA PHE B 387 -6.16 -26.24 8.18
C PHE B 387 -6.50 -27.21 7.04
N HIS B 388 -7.54 -26.88 6.28
CA HIS B 388 -8.02 -27.77 5.23
C HIS B 388 -6.95 -27.96 4.15
N GLU B 389 -6.28 -26.85 3.80
CA GLU B 389 -5.21 -26.86 2.82
C GLU B 389 -3.94 -27.59 3.27
N ALA B 390 -3.75 -27.71 4.59
CA ALA B 390 -2.51 -28.25 5.13
C ALA B 390 -2.47 -29.78 5.20
N ILE B 391 -3.63 -30.42 5.33
CA ILE B 391 -3.71 -31.85 5.73
C ILE B 391 -2.92 -32.78 4.81
N GLY B 392 -3.24 -32.75 3.51
CA GLY B 392 -2.54 -33.59 2.53
C GLY B 392 -1.06 -33.23 2.39
N ASP B 393 -0.76 -31.94 2.52
CA ASP B 393 0.60 -31.45 2.42
C ASP B 393 1.49 -32.02 3.52
N VAL B 394 0.92 -32.16 4.72
CA VAL B 394 1.62 -32.78 5.86
C VAL B 394 2.09 -34.19 5.47
N LEU B 395 1.16 -35.03 5.00
CA LEU B 395 1.53 -36.37 4.55
C LEU B 395 2.55 -36.36 3.41
N ALA B 396 2.40 -35.41 2.46
CA ALA B 396 3.35 -35.29 1.35
C ALA B 396 4.79 -34.95 1.80
N LEU B 397 4.92 -34.25 2.92
CA LEU B 397 6.23 -33.99 3.51
C LEU B 397 6.95 -35.30 3.87
N SER B 398 6.22 -36.24 4.47
CA SER B 398 6.75 -37.59 4.74
C SER B 398 7.02 -38.40 3.48
N VAL B 399 6.08 -38.38 2.52
CA VAL B 399 6.24 -39.09 1.22
C VAL B 399 7.49 -38.64 0.46
N SER B 400 7.76 -37.33 0.44
CA SER B 400 8.91 -36.72 -0.26
C SER B 400 10.29 -37.14 0.24
N THR B 401 10.38 -37.53 1.50
CA THR B 401 11.69 -37.91 2.10
C THR B 401 12.33 -39.03 1.29
N PRO B 402 13.67 -38.94 1.06
CA PRO B 402 14.38 -39.99 0.32
C PRO B 402 14.20 -41.40 0.91
N GLU B 403 14.10 -41.52 2.23
CA GLU B 403 13.84 -42.81 2.89
C GLU B 403 12.46 -43.35 2.52
N HIS B 404 11.44 -42.49 2.52
CA HIS B 404 10.12 -42.94 2.10
C HIS B 404 10.04 -43.28 0.62
N LEU B 405 10.69 -42.47 -0.23
CA LEU B 405 10.68 -42.72 -1.67
C LEU B 405 11.36 -44.06 -1.96
N HIS B 406 12.42 -44.35 -1.20
CA HIS B 406 13.03 -45.68 -1.21
C HIS B 406 12.06 -46.80 -0.77
N LYS B 407 11.28 -46.57 0.29
CA LYS B 407 10.27 -47.57 0.73
C LYS B 407 9.28 -47.93 -0.37
N ILE B 408 8.92 -46.95 -1.21
CA ILE B 408 7.91 -47.17 -2.25
C ILE B 408 8.48 -47.41 -3.65
N GLY B 409 9.78 -47.74 -3.71
CA GLY B 409 10.43 -48.19 -4.94
C GLY B 409 10.79 -47.14 -5.97
N LEU B 410 10.78 -45.86 -5.57
CA LEU B 410 11.02 -44.72 -6.47
C LEU B 410 12.44 -44.13 -6.39
N LEU B 411 13.30 -44.72 -5.55
CA LEU B 411 14.66 -44.21 -5.32
C LEU B 411 15.53 -45.24 -4.62
N ASP B 412 16.78 -45.39 -5.07
CA ASP B 412 17.79 -46.16 -4.32
C ASP B 412 18.11 -45.49 -2.96
N ARG B 413 18.52 -46.29 -1.97
CA ARG B 413 18.81 -45.76 -0.63
C ARG B 413 19.91 -44.71 -0.69
N VAL B 414 19.62 -43.54 -0.13
CA VAL B 414 20.52 -42.39 -0.24
C VAL B 414 21.59 -42.45 0.88
N THR B 415 22.81 -42.01 0.56
CA THR B 415 23.86 -41.88 1.57
C THR B 415 23.54 -40.69 2.50
N ASN B 416 23.22 -41.01 3.75
CA ASN B 416 22.82 -40.01 4.74
C ASN B 416 24.00 -39.19 5.28
N ASP B 417 24.58 -38.38 4.39
CA ASP B 417 25.68 -37.49 4.75
C ASP B 417 25.15 -36.08 5.05
N THR B 418 25.80 -35.05 4.49
CA THR B 418 25.35 -33.67 4.60
C THR B 418 25.02 -33.06 3.22
N GLU B 419 25.63 -33.60 2.16
CA GLU B 419 25.42 -33.15 0.78
C GLU B 419 24.06 -33.57 0.18
N SER B 420 23.69 -34.83 0.40
CA SER B 420 22.36 -35.35 0.06
C SER B 420 21.29 -34.59 0.84
N ASP B 421 21.60 -34.30 2.11
CA ASP B 421 20.77 -33.51 3.00
C ASP B 421 20.49 -32.10 2.45
N ILE B 422 21.53 -31.46 1.91
CA ILE B 422 21.42 -30.13 1.27
C ILE B 422 20.62 -30.22 -0.03
N ASN B 423 20.91 -31.24 -0.83
CA ASN B 423 20.19 -31.52 -2.08
C ASN B 423 18.67 -31.62 -1.88
N TYR B 424 18.26 -32.38 -0.85
CA TYR B 424 16.85 -32.58 -0.53
C TYR B 424 16.17 -31.29 -0.05
N LEU B 425 16.79 -30.63 0.94
CA LEU B 425 16.25 -29.40 1.50
C LEU B 425 16.13 -28.26 0.50
N LEU B 426 17.03 -28.22 -0.49
CA LEU B 426 16.95 -27.26 -1.57
C LEU B 426 15.72 -27.53 -2.45
N LYS B 427 15.51 -28.79 -2.81
CA LYS B 427 14.35 -29.16 -3.62
C LYS B 427 13.07 -28.79 -2.86
N MET B 428 13.04 -29.10 -1.56
CA MET B 428 11.90 -28.76 -0.69
C MET B 428 11.71 -27.25 -0.58
N ALA B 429 12.80 -26.50 -0.57
CA ALA B 429 12.75 -25.03 -0.52
C ALA B 429 12.16 -24.44 -1.81
N LEU B 430 12.53 -25.03 -2.95
CA LEU B 430 11.99 -24.61 -4.26
C LEU B 430 10.45 -24.76 -4.33
N GLU B 431 9.94 -25.77 -3.63
CA GLU B 431 8.52 -26.02 -3.55
C GLU B 431 7.83 -25.17 -2.47
N LYS B 432 8.42 -25.12 -1.27
CA LYS B 432 7.77 -24.57 -0.09
C LYS B 432 8.13 -23.13 0.22
N ILE B 433 9.42 -22.80 0.17
CA ILE B 433 9.86 -21.42 0.47
C ILE B 433 9.48 -20.46 -0.67
N ALA B 434 9.69 -20.88 -1.90
CA ALA B 434 9.41 -20.04 -3.07
C ALA B 434 7.94 -19.62 -3.15
N PHE B 435 7.05 -20.49 -2.66
CA PHE B 435 5.64 -20.21 -2.66
C PHE B 435 5.22 -19.10 -1.70
N LEU B 436 5.94 -18.96 -0.59
CA LEU B 436 5.52 -18.05 0.49
C LEU B 436 5.15 -16.61 0.05
N PRO B 437 6.03 -15.94 -0.73
CA PRO B 437 5.62 -14.59 -1.20
C PRO B 437 4.32 -14.61 -2.05
N PHE B 438 4.14 -15.62 -2.88
CA PHE B 438 2.94 -15.69 -3.73
C PHE B 438 1.69 -16.04 -2.91
N GLY B 439 1.83 -17.01 -1.98
CA GLY B 439 0.75 -17.32 -1.02
C GLY B 439 0.29 -16.09 -0.25
N TYR B 440 1.24 -15.23 0.10
CA TYR B 440 0.93 -14.01 0.86
C TYR B 440 0.31 -12.90 0.01
N LEU B 441 0.85 -12.66 -1.20
CA LEU B 441 0.48 -11.48 -2.00
C LEU B 441 -0.89 -11.53 -2.66
N VAL B 442 -1.37 -12.73 -3.03
CA VAL B 442 -2.57 -12.81 -3.88
C VAL B 442 -3.78 -12.13 -3.22
N ASP B 443 -4.02 -12.44 -1.95
CA ASP B 443 -5.13 -11.80 -1.25
C ASP B 443 -4.81 -10.38 -0.82
N GLN B 444 -3.54 -10.02 -0.70
CA GLN B 444 -3.24 -8.58 -0.55
C GLN B 444 -3.78 -7.81 -1.76
N TRP B 445 -3.52 -8.33 -2.96
CA TRP B 445 -4.11 -7.75 -4.17
C TRP B 445 -5.64 -7.74 -4.11
N ARG B 446 -6.22 -8.89 -3.76
CA ARG B 446 -7.67 -9.03 -3.78
C ARG B 446 -8.36 -8.21 -2.67
N TRP B 447 -7.79 -8.16 -1.46
CA TRP B 447 -8.29 -7.28 -0.38
C TRP B 447 -8.31 -5.81 -0.80
N GLY B 448 -7.25 -5.36 -1.49
CA GLY B 448 -7.21 -3.99 -2.05
C GLY B 448 -8.27 -3.72 -3.11
N VAL B 449 -8.57 -4.74 -3.92
CA VAL B 449 -9.62 -4.63 -4.91
C VAL B 449 -10.99 -4.56 -4.23
N PHE B 450 -11.25 -5.47 -3.30
CA PHE B 450 -12.51 -5.45 -2.54
C PHE B 450 -12.73 -4.15 -1.75
N SER B 451 -11.66 -3.62 -1.15
CA SER B 451 -11.76 -2.40 -0.35
C SER B 451 -11.93 -1.12 -1.18
N GLY B 452 -11.64 -1.19 -2.48
CA GLY B 452 -11.63 0.00 -3.32
C GLY B 452 -10.28 0.71 -3.42
N ARG B 453 -9.30 0.29 -2.63
CA ARG B 453 -7.92 0.83 -2.74
C ARG B 453 -7.36 0.63 -4.14
N THR B 454 -7.74 -0.51 -4.75
CA THR B 454 -7.35 -0.86 -6.11
C THR B 454 -8.57 -0.89 -7.05
N PRO B 455 -8.86 0.24 -7.73
CA PRO B 455 -9.93 0.28 -8.72
C PRO B 455 -9.48 -0.43 -10.00
N PRO B 456 -10.42 -0.70 -10.95
CA PRO B 456 -10.09 -1.28 -12.25
C PRO B 456 -8.92 -0.61 -12.98
N SER B 457 -8.82 0.72 -12.85
CA SER B 457 -7.73 1.50 -13.44
C SER B 457 -6.34 1.14 -12.89
N ARG B 458 -6.28 0.36 -11.80
CA ARG B 458 -4.99 -0.05 -11.20
C ARG B 458 -4.84 -1.56 -10.97
N TYR B 459 -5.74 -2.36 -11.56
CA TYR B 459 -5.68 -3.82 -11.39
C TYR B 459 -4.29 -4.39 -11.70
N ASN B 460 -3.70 -4.02 -12.85
CA ASN B 460 -2.43 -4.62 -13.24
C ASN B 460 -1.23 -3.94 -12.57
N PHE B 461 -1.29 -2.60 -12.47
CA PHE B 461 -0.30 -1.79 -11.73
C PHE B 461 -0.10 -2.32 -10.30
N ASP B 462 -1.18 -2.54 -9.56
CA ASP B 462 -1.05 -3.07 -8.20
C ASP B 462 -0.69 -4.55 -8.13
N TRP B 463 -1.16 -5.34 -9.09
CA TRP B 463 -0.74 -6.74 -9.20
C TRP B 463 0.80 -6.83 -9.34
N TRP B 464 1.37 -6.06 -10.26
CA TRP B 464 2.79 -6.14 -10.51
C TRP B 464 3.63 -5.46 -9.45
N TYR B 465 3.08 -4.40 -8.83
CA TYR B 465 3.69 -3.84 -7.61
C TYR B 465 3.96 -4.96 -6.60
N LEU B 466 2.91 -5.74 -6.32
CA LEU B 466 2.97 -6.80 -5.32
C LEU B 466 3.83 -7.98 -5.75
N ARG B 467 3.71 -8.37 -7.01
CA ARG B 467 4.56 -9.42 -7.56
C ARG B 467 6.04 -9.07 -7.44
N THR B 468 6.40 -7.84 -7.81
CA THR B 468 7.77 -7.38 -7.63
C THR B 468 8.15 -7.23 -6.13
N LYS B 469 7.29 -6.59 -5.34
CA LYS B 469 7.56 -6.37 -3.91
C LYS B 469 7.90 -7.67 -3.19
N TYR B 470 7.05 -8.69 -3.40
CA TYR B 470 7.18 -9.95 -2.69
C TYR B 470 8.00 -11.02 -3.39
N GLN B 471 7.71 -11.32 -4.65
CA GLN B 471 8.40 -12.40 -5.34
C GLN B 471 9.68 -11.98 -6.05
N GLY B 472 9.84 -10.68 -6.27
CA GLY B 472 11.03 -10.19 -7.00
C GLY B 472 11.13 -10.74 -8.40
N ILE B 473 9.99 -10.67 -9.09
CA ILE B 473 9.85 -11.05 -10.48
C ILE B 473 9.33 -9.85 -11.28
N CYS B 474 9.52 -9.88 -12.58
CA CYS B 474 9.01 -8.83 -13.45
C CYS B 474 8.38 -9.48 -14.65
N PRO B 475 7.39 -8.83 -15.27
CA PRO B 475 6.82 -9.44 -16.46
C PRO B 475 7.85 -9.41 -17.59
N PRO B 476 7.94 -10.50 -18.34
CA PRO B 476 8.98 -10.58 -19.37
C PRO B 476 8.62 -9.83 -20.65
N VAL B 477 7.36 -9.41 -20.78
CA VAL B 477 6.94 -8.43 -21.80
C VAL B 477 6.26 -7.25 -21.08
N THR B 478 6.22 -6.10 -21.77
CA THR B 478 5.50 -4.91 -21.27
C THR B 478 4.02 -5.24 -21.01
N ARG B 479 3.51 -4.78 -19.87
CA ARG B 479 2.08 -4.91 -19.56
C ARG B 479 1.49 -3.52 -19.35
N ASN B 480 0.19 -3.41 -19.60
CA ASN B 480 -0.56 -2.21 -19.30
C ASN B 480 -1.92 -2.58 -18.71
N GLU B 481 -2.80 -1.59 -18.54
CA GLU B 481 -4.07 -1.87 -17.87
C GLU B 481 -5.14 -2.58 -18.69
N THR B 482 -4.89 -2.85 -19.97
CA THR B 482 -5.77 -3.77 -20.74
C THR B 482 -5.48 -5.21 -20.35
N HIS B 483 -4.24 -5.49 -19.95
CA HIS B 483 -3.89 -6.78 -19.33
C HIS B 483 -4.46 -6.91 -17.92
N PHE B 484 -4.88 -8.12 -17.58
CA PHE B 484 -5.42 -8.45 -16.27
C PHE B 484 -4.75 -9.76 -15.84
N ASP B 485 -3.50 -9.61 -15.43
CA ASP B 485 -2.63 -10.75 -15.14
C ASP B 485 -3.04 -11.55 -13.90
N ALA B 486 -3.66 -10.88 -12.93
CA ALA B 486 -4.28 -11.56 -11.78
C ALA B 486 -5.32 -12.58 -12.26
N GLY B 487 -6.06 -12.23 -13.32
CA GLY B 487 -7.12 -13.10 -13.85
C GLY B 487 -6.63 -14.40 -14.46
N ALA B 488 -5.35 -14.44 -14.80
CA ALA B 488 -4.72 -15.59 -15.41
C ALA B 488 -4.29 -16.63 -14.36
N LYS B 489 -4.63 -16.38 -13.11
CA LYS B 489 -4.43 -17.35 -12.02
C LYS B 489 -5.79 -17.93 -11.61
N PHE B 490 -5.93 -19.25 -11.63
CA PHE B 490 -7.25 -19.94 -11.38
C PHE B 490 -8.16 -19.29 -10.31
N HIS B 491 -7.61 -19.07 -9.12
CA HIS B 491 -8.39 -18.69 -7.94
C HIS B 491 -9.09 -17.34 -8.04
N VAL B 492 -8.63 -16.50 -8.97
CA VAL B 492 -9.18 -15.15 -9.13
C VAL B 492 -10.55 -15.25 -9.87
N PRO B 493 -10.56 -15.66 -11.16
CA PRO B 493 -11.89 -15.82 -11.79
C PRO B 493 -12.79 -16.87 -11.10
N ASN B 494 -12.18 -17.84 -10.44
CA ASN B 494 -12.93 -18.90 -9.76
C ASN B 494 -13.21 -18.59 -8.29
N VAL B 495 -12.95 -17.34 -7.89
CA VAL B 495 -13.35 -16.76 -6.60
C VAL B 495 -13.05 -17.67 -5.40
N THR B 496 -11.85 -18.24 -5.41
CA THR B 496 -11.39 -19.06 -4.32
C THR B 496 -10.35 -18.22 -3.57
N PRO B 497 -10.59 -17.94 -2.26
CA PRO B 497 -9.64 -17.18 -1.44
C PRO B 497 -8.25 -17.83 -1.44
N TYR B 498 -7.23 -17.03 -1.18
CA TYR B 498 -5.84 -17.48 -1.31
C TYR B 498 -4.99 -17.51 -0.03
N ILE B 499 -5.31 -16.65 0.94
CA ILE B 499 -4.50 -16.53 2.17
C ILE B 499 -4.37 -17.86 2.94
N ARG B 500 -5.40 -18.71 2.80
CA ARG B 500 -5.39 -20.10 3.28
C ARG B 500 -4.11 -20.86 2.92
N TYR B 501 -3.53 -20.54 1.76
CA TYR B 501 -2.35 -21.27 1.30
C TYR B 501 -1.11 -20.76 2.01
N PHE B 502 -1.03 -19.45 2.24
CA PHE B 502 0.05 -18.92 3.10
C PHE B 502 -0.05 -19.50 4.51
N VAL B 503 -1.24 -19.46 5.10
CA VAL B 503 -1.49 -20.06 6.43
C VAL B 503 -1.12 -21.54 6.43
N SER B 504 -1.58 -22.27 5.42
CA SER B 504 -1.25 -23.68 5.25
C SER B 504 0.24 -23.97 5.20
N PHE B 505 1.00 -23.12 4.48
CA PHE B 505 2.41 -23.43 4.29
C PHE B 505 3.22 -23.29 5.57
N VAL B 506 2.78 -22.40 6.46
CA VAL B 506 3.37 -22.26 7.80
C VAL B 506 2.88 -23.40 8.70
N LEU B 507 1.57 -23.57 8.73
CA LEU B 507 0.87 -24.51 9.59
C LEU B 507 1.31 -25.97 9.38
N GLN B 508 1.51 -26.38 8.12
CA GLN B 508 1.92 -27.76 7.80
C GLN B 508 3.23 -28.19 8.46
N PHE B 509 4.12 -27.23 8.71
CA PHE B 509 5.36 -27.53 9.44
C PHE B 509 5.14 -27.67 10.95
N GLN B 510 4.22 -26.87 11.50
CA GLN B 510 3.75 -27.01 12.87
C GLN B 510 3.11 -28.39 13.09
N PHE B 511 2.28 -28.80 12.12
CA PHE B 511 1.58 -30.10 12.16
C PHE B 511 2.57 -31.25 12.09
N HIS B 512 3.53 -31.10 11.17
CA HIS B 512 4.58 -32.07 10.92
C HIS B 512 5.42 -32.33 12.19
N GLU B 513 5.90 -31.26 12.83
CA GLU B 513 6.67 -31.36 14.06
C GLU B 513 5.86 -32.08 15.15
N ALA B 514 4.61 -31.67 15.32
CA ALA B 514 3.69 -32.28 16.28
C ALA B 514 3.51 -33.78 16.03
N LEU B 515 3.37 -34.15 14.75
CA LEU B 515 3.10 -35.53 14.38
C LEU B 515 4.34 -36.41 14.49
N CYS B 516 5.49 -35.87 14.10
CA CYS B 516 6.78 -36.54 14.19
C CYS B 516 7.22 -36.82 15.63
N LYS B 517 7.01 -35.84 16.50
CA LYS B 517 7.23 -36.00 17.93
C LYS B 517 6.35 -37.12 18.46
N GLU B 518 5.07 -37.07 18.11
CA GLU B 518 4.06 -38.02 18.53
C GLU B 518 4.28 -39.44 18.01
N ALA B 519 4.97 -39.55 16.88
CA ALA B 519 5.35 -40.83 16.29
C ALA B 519 6.55 -41.48 16.99
N GLY B 520 7.19 -40.72 17.88
CA GLY B 520 8.38 -41.18 18.60
C GLY B 520 9.66 -40.94 17.82
N TYR B 521 9.53 -40.30 16.65
CA TYR B 521 10.68 -39.98 15.82
C TYR B 521 11.60 -38.99 16.55
N GLU B 522 12.91 -39.20 16.41
CA GLU B 522 13.89 -38.50 17.22
C GLU B 522 15.03 -37.84 16.45
N GLY B 523 15.10 -38.09 15.15
CA GLY B 523 16.14 -37.49 14.30
C GLY B 523 15.79 -36.09 13.81
N PRO B 524 16.49 -35.62 12.75
CA PRO B 524 16.23 -34.29 12.19
C PRO B 524 14.82 -34.23 11.59
N LEU B 525 14.13 -33.12 11.85
CA LEU B 525 12.72 -32.95 11.48
C LEU B 525 12.45 -33.21 9.97
N HIS B 526 13.38 -32.80 9.13
CA HIS B 526 13.23 -32.95 7.68
C HIS B 526 13.46 -34.37 7.16
N GLN B 527 13.86 -35.26 8.08
CA GLN B 527 14.06 -36.67 7.74
C GLN B 527 12.96 -37.56 8.35
N CYS B 528 12.00 -36.92 9.01
CA CYS B 528 10.87 -37.63 9.59
C CYS B 528 9.90 -38.19 8.54
N ASP B 529 9.44 -39.41 8.81
CA ASP B 529 8.39 -40.05 8.03
C ASP B 529 7.40 -40.62 9.05
N ILE B 530 6.17 -40.11 9.03
CA ILE B 530 5.10 -40.56 9.92
C ILE B 530 4.35 -41.81 9.42
N TYR B 531 4.77 -42.35 8.27
CA TYR B 531 4.19 -43.57 7.69
C TYR B 531 4.04 -44.62 8.77
N ARG B 532 2.87 -45.24 8.82
CA ARG B 532 2.57 -46.35 9.75
C ARG B 532 2.55 -45.97 11.24
N SER B 533 2.65 -44.68 11.57
CA SER B 533 2.44 -44.26 12.97
C SER B 533 0.95 -44.08 13.26
N THR B 534 0.41 -45.06 13.97
CA THR B 534 -0.97 -45.00 14.43
C THR B 534 -1.17 -43.91 15.49
N LYS B 535 -0.15 -43.68 16.32
CA LYS B 535 -0.15 -42.56 17.29
C LYS B 535 -0.29 -41.20 16.58
N ALA B 536 0.53 -40.95 15.56
CA ALA B 536 0.41 -39.71 14.75
C ALA B 536 -0.96 -39.63 14.05
N GLY B 537 -1.45 -40.76 13.55
CA GLY B 537 -2.78 -40.86 12.94
C GLY B 537 -3.90 -40.47 13.88
N ALA B 538 -3.81 -40.92 15.13
CA ALA B 538 -4.77 -40.59 16.18
C ALA B 538 -4.76 -39.08 16.46
N LYS B 539 -3.56 -38.50 16.56
CA LYS B 539 -3.40 -37.06 16.79
C LYS B 539 -4.02 -36.22 15.67
N LEU B 540 -3.78 -36.64 14.41
CA LEU B 540 -4.39 -35.99 13.25
C LEU B 540 -5.91 -36.15 13.17
N ARG B 541 -6.41 -37.36 13.45
CA ARG B 541 -7.85 -37.65 13.38
C ARG B 541 -8.67 -36.71 14.28
N LYS B 542 -8.14 -36.46 15.48
CA LYS B 542 -8.75 -35.59 16.49
C LYS B 542 -8.99 -34.18 15.93
N VAL B 543 -7.98 -33.63 15.26
CA VAL B 543 -8.09 -32.39 14.48
C VAL B 543 -9.20 -32.52 13.42
N LEU B 544 -9.15 -33.59 12.63
CA LEU B 544 -10.04 -33.74 11.47
C LEU B 544 -11.50 -33.86 11.84
N ARG B 545 -11.75 -34.58 12.94
CA ARG B 545 -13.11 -34.84 13.42
C ARG B 545 -13.78 -33.60 14.03
N ALA B 546 -12.96 -32.66 14.52
CA ALA B 546 -13.42 -31.41 15.13
C ALA B 546 -14.15 -30.48 14.16
N GLY B 547 -13.83 -30.60 12.86
CA GLY B 547 -14.36 -29.70 11.84
C GLY B 547 -14.12 -28.26 12.29
N SER B 548 -15.17 -27.46 12.28
CA SER B 548 -15.10 -26.11 12.83
C SER B 548 -16.01 -25.92 14.07
N SER B 549 -16.02 -26.92 14.96
CA SER B 549 -16.83 -26.85 16.18
C SER B 549 -16.15 -26.04 17.29
N ARG B 550 -14.82 -26.10 17.34
CA ARG B 550 -14.03 -25.36 18.32
C ARG B 550 -13.12 -24.30 17.66
N PRO B 551 -12.77 -23.20 18.39
CA PRO B 551 -11.78 -22.23 17.89
C PRO B 551 -10.48 -22.89 17.39
N TRP B 552 -9.99 -22.43 16.23
CA TRP B 552 -8.82 -23.06 15.60
C TRP B 552 -7.60 -22.95 16.51
N GLN B 553 -7.54 -21.86 17.27
CA GLN B 553 -6.48 -21.64 18.27
C GLN B 553 -6.45 -22.73 19.34
N GLU B 554 -7.64 -23.18 19.77
CA GLU B 554 -7.78 -24.23 20.77
C GLU B 554 -7.43 -25.60 20.17
N VAL B 555 -7.98 -25.87 18.99
CA VAL B 555 -7.67 -27.08 18.21
C VAL B 555 -6.16 -27.22 17.96
N LEU B 556 -5.52 -26.13 17.57
CA LEU B 556 -4.08 -26.07 17.35
C LEU B 556 -3.29 -26.31 18.63
N LYS B 557 -3.73 -25.71 19.74
CA LYS B 557 -3.11 -25.91 21.07
C LYS B 557 -3.10 -27.40 21.47
N ASP B 558 -4.25 -28.08 21.28
CA ASP B 558 -4.39 -29.52 21.51
C ASP B 558 -3.34 -30.31 20.74
N MET B 559 -3.07 -29.89 19.50
CA MET B 559 -2.22 -30.63 18.58
C MET B 559 -0.73 -30.32 18.72
N VAL B 560 -0.38 -29.04 18.74
CA VAL B 560 1.03 -28.63 18.70
C VAL B 560 1.62 -28.10 20.02
N GLY B 561 0.76 -27.75 20.97
CA GLY B 561 1.18 -27.19 22.28
C GLY B 561 1.21 -25.67 22.34
N LEU B 562 0.78 -25.04 21.24
CA LEU B 562 0.83 -23.59 21.07
C LEU B 562 -0.44 -23.17 20.34
N ASP B 563 -0.94 -21.97 20.65
CA ASP B 563 -2.26 -21.54 20.18
C ASP B 563 -2.23 -20.57 19.00
N ALA B 564 -1.06 -20.38 18.40
CA ALA B 564 -0.90 -19.45 17.29
C ALA B 564 -0.09 -20.06 16.14
N LEU B 565 -0.23 -19.45 14.95
CA LEU B 565 0.67 -19.74 13.83
C LEU B 565 2.09 -19.37 14.22
N ASP B 566 3.04 -20.19 13.82
CA ASP B 566 4.41 -20.06 14.27
C ASP B 566 5.35 -20.53 13.18
N ALA B 567 6.31 -19.67 12.83
CA ALA B 567 7.25 -19.93 11.76
C ALA B 567 8.43 -20.84 12.15
N GLN B 568 8.60 -21.06 13.46
CA GLN B 568 9.76 -21.78 13.98
C GLN B 568 9.89 -23.21 13.46
N PRO B 569 8.78 -23.99 13.47
CA PRO B 569 8.89 -25.34 12.87
C PRO B 569 9.40 -25.35 11.42
N LEU B 570 8.87 -24.46 10.56
CA LEU B 570 9.38 -24.29 9.21
C LEU B 570 10.87 -23.91 9.18
N LEU B 571 11.23 -22.96 10.04
CA LEU B 571 12.61 -22.50 10.13
C LEU B 571 13.55 -23.65 10.55
N LYS B 572 13.11 -24.43 11.53
CA LYS B 572 13.87 -25.57 12.04
C LYS B 572 14.02 -26.66 10.96
N TYR B 573 12.93 -26.90 10.22
CA TYR B 573 12.95 -27.82 9.07
C TYR B 573 14.04 -27.46 8.05
N PHE B 574 14.13 -26.17 7.70
CA PHE B 574 15.05 -25.74 6.64
C PHE B 574 16.44 -25.27 7.10
N GLN B 575 16.61 -25.13 8.42
CA GLN B 575 17.86 -24.68 9.10
C GLN B 575 19.17 -24.89 8.30
N LEU B 576 19.45 -26.12 7.91
CA LEU B 576 20.71 -26.46 7.21
C LEU B 576 20.87 -25.83 5.84
N VAL B 577 19.78 -25.78 5.07
CA VAL B 577 19.82 -25.19 3.74
C VAL B 577 19.77 -23.65 3.81
N THR B 578 19.11 -23.12 4.84
CA THR B 578 19.10 -21.69 5.12
C THR B 578 20.56 -21.21 5.30
N GLN B 579 21.29 -21.91 6.17
CA GLN B 579 22.71 -21.66 6.43
C GLN B 579 23.54 -21.81 5.15
N TRP B 580 23.35 -22.91 4.43
CA TRP B 580 24.10 -23.18 3.18
C TRP B 580 23.87 -22.12 2.11
N LEU B 581 22.61 -21.69 1.97
CA LEU B 581 22.24 -20.72 0.94
C LEU B 581 22.87 -19.35 1.19
N GLN B 582 22.88 -18.94 2.46
CA GLN B 582 23.58 -17.73 2.91
C GLN B 582 25.05 -17.76 2.48
N GLU B 583 25.72 -18.87 2.78
CA GLU B 583 27.12 -19.04 2.49
C GLU B 583 27.40 -18.93 1.01
N GLN B 584 26.67 -19.69 0.19
CA GLN B 584 26.82 -19.66 -1.29
C GLN B 584 26.67 -18.27 -1.88
N ASN B 585 25.68 -17.54 -1.40
CA ASN B 585 25.41 -16.19 -1.84
C ASN B 585 26.54 -15.20 -1.49
N GLN B 586 27.04 -15.28 -0.26
CA GLN B 586 28.20 -14.49 0.19
C GLN B 586 29.44 -14.70 -0.69
N GLN B 587 29.83 -15.97 -0.88
CA GLN B 587 30.93 -16.37 -1.76
C GLN B 587 30.77 -15.86 -3.20
N ASN B 588 29.55 -15.91 -3.72
CA ASN B 588 29.26 -15.42 -5.06
C ASN B 588 29.13 -13.89 -5.13
N GLY B 589 29.17 -13.25 -3.95
CA GLY B 589 29.03 -11.79 -3.84
C GLY B 589 27.68 -11.32 -4.35
N GLU B 590 26.63 -12.02 -3.95
CA GLU B 590 25.26 -11.69 -4.37
C GLU B 590 24.75 -10.49 -3.62
N VAL B 591 23.94 -9.68 -4.29
CA VAL B 591 23.04 -8.75 -3.60
C VAL B 591 21.73 -9.50 -3.30
N LEU B 592 21.32 -9.43 -2.04
CA LEU B 592 20.04 -9.95 -1.60
C LEU B 592 18.93 -8.96 -1.92
N GLY B 593 17.96 -9.41 -2.71
CA GLY B 593 16.91 -8.52 -3.19
C GLY B 593 17.18 -8.06 -4.61
N TRP B 594 16.43 -7.04 -5.02
CA TRP B 594 16.37 -6.63 -6.41
C TRP B 594 16.32 -5.09 -6.48
N PRO B 595 17.42 -4.41 -6.05
CA PRO B 595 17.43 -2.95 -5.95
C PRO B 595 17.16 -2.23 -7.28
N GLU B 596 17.46 -2.91 -8.40
CA GLU B 596 17.09 -2.43 -9.73
C GLU B 596 15.64 -2.84 -10.06
N TYR B 597 14.71 -2.25 -9.29
CA TYR B 597 13.30 -2.65 -9.27
C TYR B 597 12.58 -2.33 -10.56
N GLN B 598 13.17 -1.43 -11.36
CA GLN B 598 12.57 -0.96 -12.60
C GLN B 598 12.90 -1.85 -13.80
N TRP B 599 13.86 -2.77 -13.62
CA TRP B 599 14.40 -3.56 -14.72
C TRP B 599 13.41 -4.59 -15.28
N HIS B 600 13.36 -4.64 -16.62
CA HIS B 600 12.67 -5.68 -17.37
C HIS B 600 13.62 -6.22 -18.46
N PRO B 601 13.55 -7.53 -18.76
CA PRO B 601 14.35 -8.10 -19.85
C PRO B 601 13.93 -7.56 -21.24
N PRO B 602 14.85 -7.56 -22.23
CA PRO B 602 14.43 -7.18 -23.59
C PRO B 602 13.68 -8.33 -24.26
N LEU B 603 13.02 -8.05 -25.38
CA LEU B 603 12.42 -9.09 -26.20
C LEU B 603 13.53 -9.90 -26.87
N PRO B 604 13.30 -11.21 -27.11
CA PRO B 604 14.25 -11.95 -27.95
C PRO B 604 14.15 -11.49 -29.41
N ASP B 605 15.23 -11.74 -30.19
CA ASP B 605 15.35 -11.26 -31.57
C ASP B 605 14.22 -11.73 -32.49
N ASN B 606 13.53 -10.76 -33.11
CA ASN B 606 12.40 -10.98 -34.05
C ASN B 606 11.24 -11.82 -33.50
N TYR B 607 10.93 -11.60 -32.22
CA TYR B 607 9.84 -12.27 -31.51
C TYR B 607 8.47 -11.80 -32.06
N PRO B 608 7.57 -12.74 -32.37
CA PRO B 608 7.74 -14.17 -32.12
C PRO B 608 7.90 -15.06 -33.36
N GLU B 609 8.44 -14.48 -34.44
CA GLU B 609 8.56 -15.14 -35.77
C GLU B 609 9.40 -16.44 -35.85
N GLY B 610 10.21 -16.69 -34.81
CA GLY B 610 10.98 -17.93 -34.69
C GLY B 610 10.53 -18.78 -33.50
#